data_3T6C
#
_entry.id   3T6C
#
_cell.length_a   130.790
_cell.length_b   130.790
_cell.length_c   104.680
_cell.angle_alpha   90.00
_cell.angle_beta   90.00
_cell.angle_gamma   90.00
#
_symmetry.space_group_name_H-M   'P 4 21 2'
#
loop_
_entity.id
_entity.type
_entity.pdbx_description
1 polymer 'Putative ManD family dehydratase'
2 non-polymer 'MAGNESIUM ION'
3 non-polymer 'D-gluconic acid'
4 non-polymer 'CHLORIDE ION'
5 non-polymer 1,2-ETHANEDIOL
6 non-polymer 'UNKNOWN ATOM OR ION'
7 water water
#
_entity_poly.entity_id   1
_entity_poly.type   'polypeptide(L)'
_entity_poly.pdbx_seq_one_letter_code
;MHHHHHHSSGVDLGTENLYFQSMMSNLFITNVKTILTAPGGIDLVVVKIETNEPGLYGLGCATFTQRIYAVQSAIDEYLA
PFLIGKDPARIEDIWQSAAVSGYWRNGPVMNNALSGIDMALWDIKGKQAGLPVYELLGGKCRDGIALYVHTDGADEVEVE
DSARAKMEEGYQYIRCQMGMYGGAGTDDLRLIANRMVKAKNIQPKRSPRTKAPGIYFDPEAYAKSIPRLFDHLRNKLGFS
VELLHDAHERITPINAIHMAKALEPYQLFFLEDPVAPENTEWLKMLRQQSSTPIAMGELFVNVNEWKPLIDNKLIDYIRC
HISSIGGITPAKKIAIYSELNGVRTAWHSPGDISPIGVCANMHLDLSSPNFGIQEYTPMNDALREVFPGCPEVDQGYAYV
NDKPGLGIDINEALAAKFPCEGGNPTWTMARTPDGTVWRP
;
_entity_poly.pdbx_strand_id   A,B
#
# COMPACT_ATOMS: atom_id res chain seq x y z
N ASN A 26 5.25 7.30 -32.63
CA ASN A 26 4.61 8.46 -33.25
C ASN A 26 4.25 9.56 -32.23
N LEU A 27 3.25 9.32 -31.37
CA LEU A 27 2.99 10.27 -30.27
C LEU A 27 4.02 10.03 -29.19
N PHE A 28 4.29 11.07 -28.42
CA PHE A 28 5.09 10.96 -27.20
C PHE A 28 4.58 11.95 -26.18
N ILE A 29 4.78 11.62 -24.89
CA ILE A 29 4.28 12.46 -23.79
C ILE A 29 5.20 13.66 -23.60
N THR A 30 4.60 14.86 -23.65
CA THR A 30 5.37 16.07 -23.46
C THR A 30 5.29 16.76 -22.10
N ASN A 31 4.22 16.49 -21.37
CA ASN A 31 4.02 17.15 -20.07
C ASN A 31 3.06 16.32 -19.26
N VAL A 32 3.21 16.28 -17.95
CA VAL A 32 2.27 15.62 -17.07
C VAL A 32 2.04 16.57 -15.94
N LYS A 33 0.78 16.88 -15.66
CA LYS A 33 0.54 17.71 -14.47
C LYS A 33 -0.63 17.28 -13.60
N THR A 34 -0.62 17.75 -12.37
N THR A 34 -0.59 17.74 -12.36
CA THR A 34 -1.67 17.42 -11.41
CA THR A 34 -1.68 17.49 -11.45
C THR A 34 -2.48 18.68 -11.13
C THR A 34 -2.52 18.77 -11.35
N ILE A 35 -3.81 18.56 -11.14
CA ILE A 35 -4.70 19.64 -10.85
C ILE A 35 -5.50 19.25 -9.60
N LEU A 36 -5.46 20.13 -8.61
CA LEU A 36 -6.18 19.92 -7.35
C LEU A 36 -7.36 20.89 -7.36
N THR A 37 -8.56 20.33 -7.31
CA THR A 37 -9.78 21.17 -7.39
C THR A 37 -10.94 20.58 -6.59
N ALA A 38 -11.86 21.43 -6.11
CA ALA A 38 -12.94 20.94 -5.27
C ALA A 38 -14.34 21.52 -5.62
N PRO A 39 -14.80 21.33 -6.86
CA PRO A 39 -16.04 22.04 -7.27
C PRO A 39 -17.28 21.52 -6.57
N GLY A 40 -17.24 20.25 -6.16
CA GLY A 40 -18.34 19.65 -5.42
C GLY A 40 -18.22 19.72 -3.90
N GLY A 41 -17.24 20.47 -3.40
CA GLY A 41 -17.03 20.64 -1.97
C GLY A 41 -16.16 19.54 -1.39
N ILE A 42 -15.54 18.74 -2.26
CA ILE A 42 -14.70 17.61 -1.86
C ILE A 42 -13.43 17.67 -2.67
N ASP A 43 -12.29 17.55 -1.99
CA ASP A 43 -11.00 17.72 -2.70
C ASP A 43 -10.74 16.58 -3.68
N LEU A 44 -10.46 16.94 -4.93
CA LEU A 44 -10.14 15.98 -6.02
C LEU A 44 -8.75 16.12 -6.53
N VAL A 45 -8.13 15.02 -7.02
CA VAL A 45 -6.84 15.07 -7.71
C VAL A 45 -6.99 14.58 -9.14
N VAL A 46 -6.61 15.39 -10.12
CA VAL A 46 -6.79 15.06 -11.52
C VAL A 46 -5.40 15.15 -12.18
N VAL A 47 -5.12 14.24 -13.09
CA VAL A 47 -3.91 14.30 -13.89
C VAL A 47 -4.24 14.66 -15.34
N LYS A 48 -3.42 15.54 -15.93
CA LYS A 48 -3.51 15.82 -17.38
C LYS A 48 -2.19 15.45 -18.05
N ILE A 49 -2.22 14.55 -19.04
CA ILE A 49 -1.04 14.18 -19.80
C ILE A 49 -1.13 14.78 -21.21
N GLU A 50 -0.18 15.66 -21.55
CA GLU A 50 -0.13 16.26 -22.89
C GLU A 50 0.77 15.46 -23.80
N THR A 51 0.40 15.44 -25.08
CA THR A 51 1.25 14.82 -26.12
C THR A 51 1.77 15.87 -27.10
N ASN A 52 2.50 15.39 -28.09
CA ASN A 52 3.02 16.28 -29.12
C ASN A 52 2.00 16.65 -30.17
N GLU A 53 0.82 16.03 -30.12
CA GLU A 53 -0.21 16.35 -31.12
C GLU A 53 -1.06 17.45 -30.53
N PRO A 54 -1.10 18.62 -31.20
CA PRO A 54 -1.88 19.72 -30.64
C PRO A 54 -3.31 19.28 -30.35
N GLY A 55 -3.73 19.59 -29.15
CA GLY A 55 -5.08 19.31 -28.72
C GLY A 55 -5.38 17.91 -28.23
N LEU A 56 -4.44 16.96 -28.36
CA LEU A 56 -4.66 15.58 -27.93
C LEU A 56 -3.99 15.43 -26.56
N TYR A 57 -4.81 15.24 -25.54
CA TYR A 57 -4.28 15.07 -24.17
C TYR A 57 -5.19 14.09 -23.47
N GLY A 58 -4.68 13.45 -22.42
CA GLY A 58 -5.50 12.57 -21.60
C GLY A 58 -5.79 13.11 -20.20
N LEU A 59 -6.90 12.69 -19.62
CA LEU A 59 -7.22 13.03 -18.25
C LEU A 59 -7.44 11.77 -17.43
N GLY A 60 -7.03 11.83 -16.17
CA GLY A 60 -7.20 10.71 -15.26
C GLY A 60 -7.50 11.16 -13.84
N CYS A 61 -8.02 10.22 -13.04
CA CYS A 61 -8.43 10.47 -11.65
C CYS A 61 -7.47 9.76 -10.67
N ALA A 62 -6.88 10.59 -9.84
CA ALA A 62 -5.96 10.22 -8.77
C ALA A 62 -6.55 10.42 -7.37
N THR A 63 -7.88 10.50 -7.25
CA THR A 63 -8.39 11.13 -6.03
C THR A 63 -8.36 10.15 -4.84
N PHE A 64 -7.39 10.40 -3.95
CA PHE A 64 -7.38 9.89 -2.56
C PHE A 64 -7.55 11.22 -1.83
N THR A 65 -8.78 11.47 -1.42
CA THR A 65 -9.15 12.84 -0.99
C THR A 65 -8.44 13.25 0.30
N GLN A 66 -8.14 12.26 1.16
CA GLN A 66 -7.54 12.57 2.46
C GLN A 66 -6.07 12.86 2.41
N ARG A 67 -5.48 12.46 1.31
CA ARG A 67 -4.05 12.61 1.03
C ARG A 67 -3.55 13.45 -0.13
N ILE A 68 -4.38 14.37 -0.62
CA ILE A 68 -4.13 14.95 -1.94
C ILE A 68 -2.70 15.43 -2.15
N TYR A 69 -2.05 15.96 -1.12
CA TYR A 69 -0.69 16.51 -1.30
C TYR A 69 0.37 15.42 -1.40
N ALA A 70 0.14 14.26 -0.81
CA ALA A 70 1.10 13.18 -0.90
C ALA A 70 0.95 12.54 -2.29
N VAL A 71 -0.30 12.35 -2.74
CA VAL A 71 -0.52 11.94 -4.13
C VAL A 71 0.04 12.93 -5.15
N GLN A 72 -0.17 14.24 -4.94
CA GLN A 72 0.41 15.23 -5.84
C GLN A 72 1.92 15.09 -5.92
N SER A 73 2.61 14.90 -4.81
N SER A 73 2.60 14.87 -4.79
CA SER A 73 4.05 14.67 -4.87
CA SER A 73 4.05 14.67 -4.81
C SER A 73 4.39 13.38 -5.65
C SER A 73 4.47 13.37 -5.52
N ALA A 74 3.69 12.31 -5.35
CA ALA A 74 3.95 11.02 -5.99
C ALA A 74 3.83 11.11 -7.51
N ILE A 75 2.95 12.01 -7.99
CA ILE A 75 2.84 12.26 -9.44
C ILE A 75 3.90 13.27 -9.90
N ASP A 76 3.88 14.49 -9.35
CA ASP A 76 4.72 15.55 -9.90
C ASP A 76 6.20 15.31 -9.77
N GLU A 77 6.64 14.70 -8.68
N GLU A 77 6.64 14.73 -8.67
CA GLU A 77 8.07 14.54 -8.42
CA GLU A 77 8.08 14.54 -8.46
C GLU A 77 8.60 13.21 -8.94
C GLU A 77 8.60 13.26 -9.04
N TYR A 78 7.70 12.30 -9.30
CA TYR A 78 8.14 10.95 -9.72
C TYR A 78 7.52 10.46 -11.05
N LEU A 79 6.22 10.19 -11.05
CA LEU A 79 5.63 9.63 -12.28
C LEU A 79 5.68 10.60 -13.46
N ALA A 80 5.55 11.91 -13.22
CA ALA A 80 5.59 12.89 -14.33
C ALA A 80 6.98 12.84 -15.04
N PRO A 81 8.11 13.04 -14.31
CA PRO A 81 9.39 12.98 -15.02
C PRO A 81 9.66 11.61 -15.64
N PHE A 82 9.16 10.55 -14.99
CA PHE A 82 9.31 9.16 -15.50
C PHE A 82 8.69 9.03 -16.89
N LEU A 83 7.61 9.76 -17.16
CA LEU A 83 6.87 9.59 -18.42
C LEU A 83 7.31 10.42 -19.61
N ILE A 84 8.03 11.51 -19.35
CA ILE A 84 8.28 12.44 -20.42
C ILE A 84 9.12 11.76 -21.51
N GLY A 85 8.67 11.94 -22.77
CA GLY A 85 9.31 11.38 -23.94
C GLY A 85 8.85 10.00 -24.31
N LYS A 86 8.06 9.34 -23.46
CA LYS A 86 7.55 7.99 -23.76
C LYS A 86 6.33 7.95 -24.66
N ASP A 87 6.20 6.86 -25.43
CA ASP A 87 5.03 6.66 -26.30
C ASP A 87 3.84 6.25 -25.41
N PRO A 88 2.77 7.05 -25.36
CA PRO A 88 1.58 6.70 -24.53
C PRO A 88 0.85 5.43 -25.00
N ALA A 89 1.16 4.92 -26.17
CA ALA A 89 0.47 3.70 -26.66
C ALA A 89 0.77 2.48 -25.77
N ARG A 90 1.92 2.48 -25.07
CA ARG A 90 2.20 1.24 -24.40
C ARG A 90 1.67 1.43 -22.98
N ILE A 91 0.40 1.13 -22.86
CA ILE A 91 -0.33 1.40 -21.58
C ILE A 91 0.11 0.36 -20.58
N GLU A 92 0.12 -0.92 -20.97
CA GLU A 92 0.48 -1.97 -20.02
C GLU A 92 1.94 -1.89 -19.60
N ASP A 93 2.83 -1.58 -20.56
CA ASP A 93 4.27 -1.52 -20.25
C ASP A 93 4.49 -0.35 -19.30
N ILE A 94 3.80 0.79 -19.53
CA ILE A 94 3.90 1.90 -18.61
C ILE A 94 3.31 1.56 -17.23
N TRP A 95 2.14 0.90 -17.19
CA TRP A 95 1.56 0.55 -15.90
C TRP A 95 2.53 -0.36 -15.13
N GLN A 96 3.01 -1.44 -15.77
CA GLN A 96 3.87 -2.38 -15.06
C GLN A 96 5.15 -1.72 -14.59
N SER A 97 5.78 -0.94 -15.45
CA SER A 97 7.03 -0.25 -15.08
C SER A 97 6.79 0.89 -14.07
N ALA A 98 5.73 1.68 -14.24
CA ALA A 98 5.50 2.75 -13.25
C ALA A 98 5.20 2.12 -11.90
N ALA A 99 4.47 0.99 -11.90
CA ALA A 99 4.06 0.35 -10.67
C ALA A 99 5.26 -0.05 -9.80
N VAL A 100 6.33 -0.51 -10.42
CA VAL A 100 7.53 -0.93 -9.71
C VAL A 100 8.63 0.09 -9.65
N SER A 101 8.40 1.31 -10.17
CA SER A 101 9.51 2.28 -10.34
C SER A 101 10.14 2.71 -9.02
N GLY A 102 9.35 2.71 -7.95
CA GLY A 102 9.84 3.02 -6.62
C GLY A 102 10.10 1.77 -5.78
N TYR A 103 10.18 0.61 -6.44
CA TYR A 103 10.38 -0.66 -5.72
C TYR A 103 9.15 -0.94 -4.88
N TRP A 104 9.08 -0.45 -3.67
CA TRP A 104 7.87 -0.60 -2.87
C TRP A 104 6.65 -0.05 -3.62
N ARG A 105 5.51 -0.70 -3.35
CA ARG A 105 4.31 -0.50 -4.17
C ARG A 105 3.09 -1.03 -3.40
N ASN A 106 1.92 -1.06 -4.05
CA ASN A 106 0.67 -1.58 -3.43
C ASN A 106 0.26 -0.79 -2.22
N GLY A 107 -0.08 0.48 -2.41
CA GLY A 107 -0.62 1.26 -1.32
C GLY A 107 -1.44 2.41 -1.89
N PRO A 108 -2.18 3.10 -1.03
CA PRO A 108 -3.14 4.08 -1.59
C PRO A 108 -2.45 5.31 -2.23
N VAL A 109 -1.34 5.82 -1.68
CA VAL A 109 -0.75 6.99 -2.34
C VAL A 109 -0.12 6.50 -3.67
N MET A 110 0.65 5.39 -3.63
CA MET A 110 1.25 4.89 -4.84
C MET A 110 0.22 4.56 -5.92
N ASN A 111 -0.85 3.89 -5.53
CA ASN A 111 -1.78 3.38 -6.55
C ASN A 111 -2.58 4.53 -7.14
N ASN A 112 -2.94 5.52 -6.34
CA ASN A 112 -3.72 6.64 -6.89
C ASN A 112 -2.91 7.46 -7.87
N ALA A 113 -1.63 7.67 -7.56
CA ALA A 113 -0.77 8.33 -8.54
C ALA A 113 -0.74 7.54 -9.86
N LEU A 114 -0.57 6.22 -9.79
CA LEU A 114 -0.53 5.35 -10.96
C LEU A 114 -1.85 5.43 -11.71
N SER A 115 -2.97 5.48 -10.97
CA SER A 115 -4.29 5.59 -11.62
C SER A 115 -4.45 6.84 -12.46
N GLY A 116 -3.93 7.97 -11.96
CA GLY A 116 -4.10 9.22 -12.68
C GLY A 116 -3.41 9.10 -14.04
N ILE A 117 -2.23 8.48 -14.04
N ILE A 117 -2.23 8.49 -14.08
CA ILE A 117 -1.48 8.21 -15.26
CA ILE A 117 -1.58 8.33 -15.37
C ILE A 117 -2.23 7.25 -16.17
C ILE A 117 -2.22 7.23 -16.22
N ASP A 118 -2.62 6.11 -15.61
CA ASP A 118 -3.24 5.04 -16.39
C ASP A 118 -4.55 5.48 -17.08
N MET A 119 -5.43 6.14 -16.32
CA MET A 119 -6.70 6.60 -16.91
C MET A 119 -6.41 7.58 -18.06
N ALA A 120 -5.45 8.50 -17.85
CA ALA A 120 -5.13 9.47 -18.91
C ALA A 120 -4.57 8.77 -20.14
N LEU A 121 -3.83 7.71 -19.96
CA LEU A 121 -3.35 6.98 -21.14
C LEU A 121 -4.47 6.25 -21.88
N TRP A 122 -5.44 5.69 -21.15
CA TRP A 122 -6.60 5.13 -21.80
C TRP A 122 -7.41 6.20 -22.53
N ASP A 123 -7.54 7.40 -21.92
CA ASP A 123 -8.22 8.54 -22.56
C ASP A 123 -7.55 8.89 -23.88
N ILE A 124 -6.22 8.96 -23.87
CA ILE A 124 -5.45 9.22 -25.09
C ILE A 124 -5.68 8.10 -26.13
N LYS A 125 -5.66 6.85 -25.69
CA LYS A 125 -5.87 5.72 -26.62
C LYS A 125 -7.23 5.82 -27.31
N GLY A 126 -8.27 6.15 -26.56
CA GLY A 126 -9.59 6.29 -27.19
C GLY A 126 -9.60 7.49 -28.12
N LYS A 127 -8.98 8.60 -27.74
CA LYS A 127 -8.98 9.73 -28.63
C LYS A 127 -8.20 9.43 -29.92
N GLN A 128 -7.08 8.72 -29.80
CA GLN A 128 -6.31 8.28 -30.97
C GLN A 128 -7.15 7.40 -31.89
N ALA A 129 -7.93 6.51 -31.27
CA ALA A 129 -8.79 5.59 -32.01
C ALA A 129 -10.04 6.26 -32.53
N GLY A 130 -10.39 7.43 -31.99
CA GLY A 130 -11.69 8.01 -32.27
C GLY A 130 -12.87 7.26 -31.65
N LEU A 131 -12.65 6.57 -30.52
CA LEU A 131 -13.67 5.72 -29.92
C LEU A 131 -13.68 5.94 -28.40
N PRO A 132 -14.86 5.81 -27.76
CA PRO A 132 -14.92 5.78 -26.30
C PRO A 132 -14.10 4.62 -25.75
N VAL A 133 -13.54 4.79 -24.55
CA VAL A 133 -12.80 3.69 -23.92
C VAL A 133 -13.71 2.46 -23.81
N TYR A 134 -15.00 2.60 -23.50
CA TYR A 134 -15.86 1.36 -23.45
C TYR A 134 -15.86 0.58 -24.73
N GLU A 135 -15.65 1.25 -25.89
CA GLU A 135 -15.57 0.51 -27.14
C GLU A 135 -14.30 -0.29 -27.27
N LEU A 136 -13.21 0.17 -26.64
CA LEU A 136 -11.96 -0.61 -26.66
C LEU A 136 -11.97 -1.83 -25.76
N LEU A 137 -12.81 -1.79 -24.73
CA LEU A 137 -12.89 -2.79 -23.66
C LEU A 137 -13.89 -3.91 -23.89
N GLY A 138 -14.44 -3.99 -25.10
CA GLY A 138 -15.46 -4.97 -25.46
C GLY A 138 -16.77 -4.41 -25.95
N GLY A 139 -16.98 -3.10 -25.91
CA GLY A 139 -18.23 -2.54 -26.39
C GLY A 139 -19.34 -2.64 -25.34
N LYS A 140 -20.51 -2.11 -25.69
CA LYS A 140 -21.61 -2.08 -24.72
C LYS A 140 -22.26 -3.42 -24.52
N CYS A 141 -22.45 -3.78 -23.25
CA CYS A 141 -23.25 -4.94 -22.85
C CYS A 141 -24.65 -4.61 -22.35
N ARG A 142 -24.93 -3.32 -22.27
CA ARG A 142 -26.20 -2.74 -21.77
C ARG A 142 -26.30 -1.29 -22.29
N ASP A 143 -27.52 -0.73 -22.30
CA ASP A 143 -27.73 0.63 -22.78
C ASP A 143 -27.93 1.73 -21.75
N GLY A 144 -27.81 1.35 -20.48
CA GLY A 144 -27.94 2.30 -19.39
C GLY A 144 -27.21 1.60 -18.21
N ILE A 145 -26.69 2.41 -17.28
N ILE A 145 -26.72 2.40 -17.27
CA ILE A 145 -26.00 1.87 -16.10
CA ILE A 145 -26.00 1.88 -16.10
C ILE A 145 -26.89 2.05 -14.87
C ILE A 145 -26.87 2.05 -14.86
N ALA A 146 -27.31 0.94 -14.29
CA ALA A 146 -28.18 1.01 -13.09
C ALA A 146 -27.47 1.58 -11.89
N LEU A 147 -28.16 2.50 -11.21
CA LEU A 147 -27.59 3.27 -10.10
C LEU A 147 -28.18 2.87 -8.76
N TYR A 148 -27.38 2.89 -7.68
CA TYR A 148 -27.98 3.01 -6.36
C TYR A 148 -27.59 4.33 -5.70
N VAL A 149 -28.47 4.80 -4.84
CA VAL A 149 -28.29 6.10 -4.23
C VAL A 149 -28.38 5.95 -2.72
N HIS A 150 -27.93 6.98 -2.02
CA HIS A 150 -27.90 6.98 -0.55
C HIS A 150 -29.13 7.64 0.06
N THR A 151 -29.80 6.92 0.95
CA THR A 151 -30.80 7.50 1.85
C THR A 151 -30.35 7.35 3.30
N ASP A 152 -30.76 8.30 4.13
CA ASP A 152 -30.34 8.28 5.50
C ASP A 152 -31.45 9.00 6.27
N GLY A 153 -31.27 9.09 7.57
CA GLY A 153 -32.23 9.73 8.42
C GLY A 153 -31.96 9.42 9.86
N ALA A 154 -32.60 10.19 10.72
CA ALA A 154 -32.31 10.04 12.12
C ALA A 154 -33.06 8.84 12.75
N ASP A 155 -34.18 8.45 12.14
CA ASP A 155 -34.99 7.34 12.66
C ASP A 155 -35.60 6.56 11.49
N GLU A 156 -36.33 5.48 11.78
CA GLU A 156 -36.82 4.60 10.72
C GLU A 156 -37.80 5.33 9.81
N VAL A 157 -38.57 6.25 10.35
CA VAL A 157 -39.55 6.99 9.52
C VAL A 157 -38.86 7.96 8.57
N GLU A 158 -37.82 8.65 9.04
CA GLU A 158 -37.10 9.56 8.16
C GLU A 158 -36.44 8.76 7.05
N VAL A 159 -35.86 7.60 7.39
CA VAL A 159 -35.21 6.78 6.36
C VAL A 159 -36.26 6.32 5.33
N GLU A 160 -37.42 5.91 5.86
CA GLU A 160 -38.52 5.49 4.99
C GLU A 160 -38.92 6.61 4.05
N ASP A 161 -39.08 7.82 4.58
CA ASP A 161 -39.52 8.92 3.72
C ASP A 161 -38.49 9.22 2.64
N SER A 162 -37.23 9.19 3.02
CA SER A 162 -36.16 9.44 2.05
C SER A 162 -36.14 8.37 0.94
N ALA A 163 -36.26 7.11 1.35
CA ALA A 163 -36.22 6.02 0.37
C ALA A 163 -37.43 6.12 -0.56
N ARG A 164 -38.60 6.43 -0.01
CA ARG A 164 -39.81 6.53 -0.82
C ARG A 164 -39.63 7.63 -1.86
N ALA A 165 -39.00 8.75 -1.49
CA ALA A 165 -38.75 9.81 -2.45
C ALA A 165 -37.81 9.34 -3.57
N LYS A 166 -36.73 8.61 -3.22
CA LYS A 166 -35.81 8.06 -4.24
C LYS A 166 -36.55 7.12 -5.21
N MET A 167 -37.46 6.33 -4.66
CA MET A 167 -38.28 5.43 -5.51
C MET A 167 -39.15 6.26 -6.45
N GLU A 168 -39.73 7.35 -5.94
N GLU A 168 -39.74 7.34 -5.94
CA GLU A 168 -40.60 8.20 -6.78
CA GLU A 168 -40.59 8.20 -6.78
C GLU A 168 -39.79 8.90 -7.88
C GLU A 168 -39.77 8.83 -7.91
N GLU A 169 -38.50 9.14 -7.64
CA GLU A 169 -37.58 9.70 -8.65
C GLU A 169 -37.10 8.68 -9.65
N GLY A 170 -37.44 7.41 -9.44
CA GLY A 170 -37.06 6.41 -10.41
C GLY A 170 -35.91 5.48 -10.03
N TYR A 171 -35.31 5.64 -8.85
CA TYR A 171 -34.22 4.74 -8.42
C TYR A 171 -34.80 3.43 -7.94
N GLN A 172 -34.19 2.36 -8.44
CA GLN A 172 -34.61 0.99 -8.11
C GLN A 172 -33.74 0.26 -7.08
N TYR A 173 -32.64 0.91 -6.68
CA TYR A 173 -31.65 0.36 -5.76
C TYR A 173 -31.29 1.46 -4.82
N ILE A 174 -31.48 1.22 -3.52
CA ILE A 174 -31.35 2.27 -2.51
C ILE A 174 -30.57 1.77 -1.31
N ARG A 175 -29.48 2.48 -0.96
CA ARG A 175 -28.76 2.16 0.27
C ARG A 175 -29.43 2.89 1.43
N CYS A 176 -29.69 2.20 2.52
CA CYS A 176 -30.40 2.78 3.70
C CYS A 176 -29.52 2.68 4.93
N GLN A 177 -29.19 3.85 5.50
CA GLN A 177 -28.45 3.96 6.74
C GLN A 177 -29.32 4.75 7.70
N MET A 178 -29.07 4.62 9.00
CA MET A 178 -29.78 5.49 9.93
C MET A 178 -28.68 6.08 10.77
N GLY A 179 -28.40 7.37 10.55
CA GLY A 179 -27.16 7.96 11.12
C GLY A 179 -25.86 7.54 10.40
N MET A 180 -25.93 7.40 9.08
CA MET A 180 -24.75 7.02 8.28
C MET A 180 -23.98 5.81 8.84
N TYR A 181 -22.68 5.96 9.16
CA TYR A 181 -21.87 4.77 9.58
C TYR A 181 -21.78 4.65 11.12
N GLY A 182 -22.11 3.49 11.67
CA GLY A 182 -22.11 3.33 13.13
C GLY A 182 -23.25 4.07 13.83
N GLY A 183 -24.08 4.74 13.04
CA GLY A 183 -25.18 5.51 13.60
C GLY A 183 -24.73 6.91 14.01
N ALA A 184 -23.46 7.24 13.80
CA ALA A 184 -22.86 8.51 14.32
C ALA A 184 -23.16 9.79 13.48
N GLY A 185 -23.70 9.61 12.27
CA GLY A 185 -23.84 10.72 11.33
C GLY A 185 -22.47 11.33 11.04
N THR A 186 -22.42 12.58 10.55
CA THR A 186 -21.11 13.24 10.44
C THR A 186 -21.23 14.75 10.56
N ASP A 187 -20.25 15.34 11.24
CA ASP A 187 -20.02 16.80 11.20
C ASP A 187 -18.90 17.23 10.23
N ASP A 188 -18.33 16.25 9.54
CA ASP A 188 -17.14 16.51 8.74
C ASP A 188 -17.56 16.63 7.26
N LEU A 189 -17.43 17.84 6.72
CA LEU A 189 -17.83 18.14 5.34
C LEU A 189 -16.99 17.35 4.28
N ARG A 190 -15.89 16.76 4.74
CA ARG A 190 -14.98 16.03 3.83
C ARG A 190 -15.60 14.74 3.27
N LEU A 191 -16.57 14.18 4.01
CA LEU A 191 -17.15 12.91 3.59
C LEU A 191 -18.10 13.07 2.39
N ILE A 192 -19.28 13.62 2.68
CA ILE A 192 -20.32 13.93 1.69
C ILE A 192 -20.49 15.42 1.26
N ALA A 193 -19.65 16.31 1.77
CA ALA A 193 -19.84 17.78 1.62
C ALA A 193 -21.12 18.29 2.31
N ASN A 194 -21.63 17.50 3.24
CA ASN A 194 -22.80 17.91 4.04
C ASN A 194 -22.78 17.26 5.42
N ARG A 195 -23.17 18.02 6.44
CA ARG A 195 -23.43 17.45 7.76
C ARG A 195 -24.59 16.43 7.65
N MET A 196 -24.49 15.33 8.40
N MET A 196 -24.51 15.36 8.44
CA MET A 196 -25.55 14.30 8.46
CA MET A 196 -25.52 14.29 8.45
C MET A 196 -25.89 14.01 9.93
C MET A 196 -25.89 13.96 9.91
N VAL A 197 -27.17 14.11 10.24
CA VAL A 197 -27.63 13.92 11.62
C VAL A 197 -27.42 12.47 12.09
N LYS A 198 -27.03 12.32 13.37
CA LYS A 198 -26.87 11.01 14.00
C LYS A 198 -28.22 10.30 14.16
N ALA A 199 -28.18 8.97 14.36
CA ALA A 199 -29.37 8.23 14.76
C ALA A 199 -29.89 8.76 16.10
N LYS A 200 -31.15 9.19 16.12
CA LYS A 200 -31.65 9.88 17.31
C LYS A 200 -32.07 8.97 18.46
N ASN A 201 -32.55 7.78 18.12
CA ASN A 201 -33.04 6.84 19.14
C ASN A 201 -32.04 5.77 19.57
N ILE A 202 -30.85 5.77 18.95
CA ILE A 202 -29.79 4.84 19.35
C ILE A 202 -29.20 5.29 20.70
N GLN A 203 -29.20 4.33 21.64
CA GLN A 203 -29.04 4.52 23.10
C GLN A 203 -27.74 3.85 23.52
N PRO A 204 -26.65 4.59 23.32
CA PRO A 204 -25.31 4.04 23.46
C PRO A 204 -24.97 3.84 24.93
N LYS A 205 -24.02 2.95 25.15
CA LYS A 205 -23.49 2.75 26.47
C LYS A 205 -22.82 4.03 26.94
N ARG A 206 -22.78 4.20 28.26
N ARG A 206 -22.75 4.15 28.26
CA ARG A 206 -22.11 5.33 28.87
CA ARG A 206 -22.10 5.28 28.92
C ARG A 206 -20.59 5.14 28.81
C ARG A 206 -20.58 5.13 28.83
N SER A 207 -19.88 6.26 28.62
CA SER A 207 -18.41 6.30 28.58
C SER A 207 -17.81 6.40 29.99
N PRO A 208 -16.48 6.20 30.13
CA PRO A 208 -15.83 6.44 31.41
C PRO A 208 -15.92 7.91 31.80
N ARG A 209 -15.46 8.28 32.99
CA ARG A 209 -15.69 9.62 33.50
C ARG A 209 -14.90 10.72 32.79
N THR A 210 -13.81 10.34 32.11
CA THR A 210 -13.18 11.25 31.16
C THR A 210 -12.90 10.41 29.92
N LYS A 211 -12.81 11.06 28.76
CA LYS A 211 -12.52 10.29 27.55
C LYS A 211 -11.83 11.16 26.51
N ALA A 212 -11.13 10.49 25.60
CA ALA A 212 -10.34 11.17 24.58
C ALA A 212 -11.26 11.84 23.55
N PRO A 213 -10.75 12.87 22.89
CA PRO A 213 -11.52 13.47 21.79
C PRO A 213 -11.79 12.48 20.66
N GLY A 214 -12.95 12.58 20.03
CA GLY A 214 -13.25 11.71 18.91
C GLY A 214 -14.71 11.75 18.55
N ILE A 215 -15.10 11.02 17.50
CA ILE A 215 -16.50 10.93 17.14
C ILE A 215 -16.96 9.58 17.68
N TYR A 216 -17.72 9.62 18.77
CA TYR A 216 -18.15 8.40 19.48
C TYR A 216 -19.33 7.73 18.83
N PHE A 217 -19.27 6.40 18.84
CA PHE A 217 -20.39 5.59 18.31
C PHE A 217 -20.47 4.33 19.13
N ASP A 218 -21.60 3.61 19.05
CA ASP A 218 -21.77 2.42 19.85
C ASP A 218 -22.01 1.27 18.87
N PRO A 219 -21.01 0.40 18.69
CA PRO A 219 -21.17 -0.71 17.74
C PRO A 219 -22.32 -1.64 18.10
N GLU A 220 -22.57 -1.90 19.38
CA GLU A 220 -23.60 -2.85 19.78
C GLU A 220 -24.97 -2.24 19.49
N ALA A 221 -25.14 -0.97 19.86
CA ALA A 221 -26.44 -0.33 19.61
C ALA A 221 -26.70 -0.19 18.12
N TYR A 222 -25.65 0.14 17.39
CA TYR A 222 -25.75 0.18 15.91
C TYR A 222 -26.21 -1.19 15.36
N ALA A 223 -25.51 -2.28 15.71
CA ALA A 223 -25.79 -3.59 15.08
C ALA A 223 -27.22 -3.99 15.35
N LYS A 224 -27.67 -3.79 16.58
CA LYS A 224 -29.06 -4.19 16.93
C LYS A 224 -30.09 -3.34 16.19
N SER A 225 -29.76 -2.11 15.84
CA SER A 225 -30.74 -1.23 15.23
C SER A 225 -31.06 -1.68 13.82
N ILE A 226 -30.10 -2.38 13.19
CA ILE A 226 -30.19 -2.56 11.74
C ILE A 226 -31.30 -3.54 11.26
N PRO A 227 -31.40 -4.75 11.85
CA PRO A 227 -32.51 -5.60 11.39
C PRO A 227 -33.87 -4.93 11.65
N ARG A 228 -34.05 -4.18 12.73
CA ARG A 228 -35.31 -3.46 12.96
C ARG A 228 -35.57 -2.44 11.86
N LEU A 229 -34.54 -1.71 11.45
CA LEU A 229 -34.69 -0.74 10.35
C LEU A 229 -35.21 -1.44 9.10
N PHE A 230 -34.58 -2.56 8.72
CA PHE A 230 -34.99 -3.24 7.50
C PHE A 230 -36.33 -3.92 7.58
N ASP A 231 -36.70 -4.38 8.78
CA ASP A 231 -38.09 -4.87 8.95
C ASP A 231 -39.09 -3.75 8.66
N HIS A 232 -38.82 -2.55 9.17
CA HIS A 232 -39.74 -1.43 8.99
C HIS A 232 -39.78 -1.07 7.53
N LEU A 233 -38.62 -1.01 6.87
CA LEU A 233 -38.58 -0.60 5.47
C LEU A 233 -39.29 -1.60 4.58
N ARG A 234 -39.14 -2.90 4.84
CA ARG A 234 -39.85 -3.89 4.04
C ARG A 234 -41.36 -3.81 4.29
N ASN A 235 -41.75 -3.57 5.54
N ASN A 235 -41.75 -3.54 5.53
CA ASN A 235 -43.16 -3.45 5.86
CA ASN A 235 -43.17 -3.43 5.88
C ASN A 235 -43.80 -2.29 5.09
C ASN A 235 -43.82 -2.27 5.13
N LYS A 236 -43.11 -1.16 5.07
CA LYS A 236 -43.63 0.07 4.46
C LYS A 236 -43.42 0.19 2.93
N LEU A 237 -42.25 -0.22 2.45
CA LEU A 237 -41.88 -0.09 1.04
C LEU A 237 -42.06 -1.31 0.16
N GLY A 238 -42.20 -2.48 0.78
CA GLY A 238 -42.33 -3.69 -0.01
C GLY A 238 -41.04 -4.37 -0.46
N PHE A 239 -41.16 -5.49 -1.17
CA PHE A 239 -40.00 -6.28 -1.62
C PHE A 239 -39.57 -6.08 -3.06
N SER A 240 -40.23 -5.22 -3.82
CA SER A 240 -39.76 -5.05 -5.19
C SER A 240 -38.49 -4.24 -5.23
N VAL A 241 -38.42 -3.18 -4.43
CA VAL A 241 -37.25 -2.31 -4.47
C VAL A 241 -36.04 -3.05 -3.92
N GLU A 242 -34.86 -2.77 -4.46
CA GLU A 242 -33.64 -3.37 -3.88
C GLU A 242 -33.03 -2.46 -2.84
N LEU A 243 -32.68 -3.03 -1.68
CA LEU A 243 -32.22 -2.21 -0.55
C LEU A 243 -30.82 -2.71 -0.16
N LEU A 244 -29.95 -1.78 0.19
CA LEU A 244 -28.52 -2.06 0.46
C LEU A 244 -28.17 -1.47 1.82
N HIS A 245 -27.15 -2.03 2.49
CA HIS A 245 -26.69 -1.43 3.75
C HIS A 245 -25.17 -1.55 3.83
N ASP A 246 -24.53 -0.51 4.36
CA ASP A 246 -23.06 -0.50 4.50
C ASP A 246 -22.68 -0.55 5.97
N ALA A 247 -22.10 -1.68 6.40
CA ALA A 247 -21.68 -1.81 7.81
C ALA A 247 -20.38 -1.04 8.05
N HIS A 248 -19.63 -0.75 6.99
CA HIS A 248 -18.46 0.16 7.04
C HIS A 248 -17.47 -0.20 8.14
N GLU A 249 -17.21 -1.51 8.26
CA GLU A 249 -16.24 -2.10 9.22
C GLU A 249 -16.45 -1.67 10.69
N ARG A 250 -17.69 -1.32 11.07
CA ARG A 250 -17.92 -0.69 12.37
C ARG A 250 -18.24 -1.66 13.49
N ILE A 251 -18.19 -2.97 13.25
CA ILE A 251 -18.54 -3.94 14.29
C ILE A 251 -17.54 -5.11 14.27
N THR A 252 -17.54 -5.92 15.31
CA THR A 252 -16.63 -7.07 15.30
C THR A 252 -17.06 -8.14 14.30
N PRO A 253 -16.14 -8.99 13.83
CA PRO A 253 -16.55 -9.94 12.80
C PRO A 253 -17.71 -10.86 13.20
N ILE A 254 -17.71 -11.37 14.42
CA ILE A 254 -18.75 -12.29 14.79
C ILE A 254 -20.09 -11.54 14.81
N ASN A 255 -20.09 -10.29 15.30
CA ASN A 255 -21.34 -9.50 15.25
C ASN A 255 -21.78 -9.16 13.83
N ALA A 256 -20.82 -9.06 12.89
CA ALA A 256 -21.21 -8.90 11.50
C ALA A 256 -21.82 -10.17 10.92
N ILE A 257 -21.35 -11.34 11.34
CA ILE A 257 -21.92 -12.61 10.91
C ILE A 257 -23.36 -12.66 11.41
N HIS A 258 -23.59 -12.35 12.71
CA HIS A 258 -24.96 -12.36 13.20
C HIS A 258 -25.85 -11.35 12.40
N MET A 259 -25.32 -10.15 12.11
CA MET A 259 -26.09 -9.16 11.38
C MET A 259 -26.41 -9.71 9.97
N ALA A 260 -25.43 -10.28 9.26
CA ALA A 260 -25.73 -10.85 7.92
C ALA A 260 -26.90 -11.88 8.02
N LYS A 261 -26.84 -12.75 9.03
CA LYS A 261 -27.91 -13.74 9.17
C LYS A 261 -29.24 -13.10 9.51
N ALA A 262 -29.22 -12.12 10.42
CA ALA A 262 -30.44 -11.43 10.85
C ALA A 262 -31.11 -10.65 9.76
N LEU A 263 -30.32 -10.29 8.75
CA LEU A 263 -30.89 -9.54 7.61
C LEU A 263 -31.48 -10.43 6.51
N GLU A 264 -31.24 -11.72 6.57
CA GLU A 264 -31.70 -12.63 5.52
C GLU A 264 -33.21 -12.49 5.20
N PRO A 265 -34.09 -12.34 6.20
CA PRO A 265 -35.53 -12.25 5.83
C PRO A 265 -35.84 -10.99 5.01
N TYR A 266 -34.97 -9.99 5.01
CA TYR A 266 -35.26 -8.72 4.32
C TYR A 266 -34.62 -8.67 2.94
N GLN A 267 -33.87 -9.70 2.58
CA GLN A 267 -33.36 -9.90 1.21
C GLN A 267 -32.69 -8.64 0.66
N LEU A 268 -31.60 -8.25 1.32
CA LEU A 268 -30.85 -7.09 0.85
C LEU A 268 -30.13 -7.43 -0.46
N PHE A 269 -29.97 -6.41 -1.30
CA PHE A 269 -29.20 -6.58 -2.52
C PHE A 269 -27.74 -6.87 -2.14
N PHE A 270 -27.21 -6.10 -1.20
CA PHE A 270 -25.98 -6.53 -0.53
C PHE A 270 -25.81 -5.86 0.82
N LEU A 271 -25.03 -6.51 1.68
CA LEU A 271 -24.48 -5.93 2.93
C LEU A 271 -23.01 -5.65 2.65
N GLU A 272 -22.62 -4.40 2.83
CA GLU A 272 -21.28 -3.97 2.40
C GLU A 272 -20.31 -3.83 3.59
N ASP A 273 -19.07 -4.22 3.37
CA ASP A 273 -17.95 -4.08 4.31
C ASP A 273 -18.28 -4.59 5.71
N PRO A 274 -18.73 -5.83 5.78
CA PRO A 274 -18.99 -6.38 7.14
C PRO A 274 -17.67 -6.53 7.94
N VAL A 275 -16.51 -6.58 7.26
CA VAL A 275 -15.22 -6.65 7.96
C VAL A 275 -14.25 -5.62 7.33
N ALA A 276 -13.26 -5.25 8.13
CA ALA A 276 -12.12 -4.46 7.69
C ALA A 276 -11.25 -5.33 6.76
N PRO A 277 -10.43 -4.70 5.89
CA PRO A 277 -9.50 -5.53 5.09
C PRO A 277 -8.60 -6.38 5.96
N GLU A 278 -8.21 -5.88 7.14
CA GLU A 278 -7.32 -6.63 7.99
C GLU A 278 -7.98 -7.88 8.58
N ASN A 279 -9.32 -7.95 8.54
CA ASN A 279 -10.13 -9.09 9.03
C ASN A 279 -10.70 -10.01 7.95
N THR A 280 -10.23 -9.88 6.72
CA THR A 280 -10.76 -10.73 5.63
C THR A 280 -10.81 -12.24 5.89
N GLU A 281 -9.96 -12.77 6.77
CA GLU A 281 -9.99 -14.21 7.07
C GLU A 281 -11.30 -14.62 7.76
N TRP A 282 -12.03 -13.66 8.33
CA TRP A 282 -13.29 -14.00 8.97
C TRP A 282 -14.42 -14.28 7.96
N LEU A 283 -14.24 -13.89 6.70
CA LEU A 283 -15.31 -14.11 5.75
C LEU A 283 -15.51 -15.60 5.46
N LYS A 284 -14.50 -16.45 5.67
CA LYS A 284 -14.73 -17.90 5.51
C LYS A 284 -15.83 -18.34 6.46
N MET A 285 -15.77 -17.93 7.72
CA MET A 285 -16.81 -18.31 8.64
C MET A 285 -18.15 -17.72 8.26
N LEU A 286 -18.16 -16.42 7.95
CA LEU A 286 -19.42 -15.79 7.56
C LEU A 286 -20.12 -16.55 6.43
N ARG A 287 -19.37 -16.97 5.40
CA ARG A 287 -19.98 -17.59 4.21
C ARG A 287 -20.37 -19.04 4.43
N GLN A 288 -19.95 -19.63 5.56
N GLN A 288 -20.01 -19.64 5.56
CA GLN A 288 -20.45 -20.95 6.00
CA GLN A 288 -20.53 -20.97 5.88
C GLN A 288 -21.87 -20.87 6.50
C GLN A 288 -21.89 -20.89 6.54
N GLN A 289 -22.29 -19.67 6.92
CA GLN A 289 -23.53 -19.41 7.71
C GLN A 289 -24.61 -18.64 6.98
N SER A 290 -24.24 -17.54 6.32
CA SER A 290 -25.23 -16.56 5.81
C SER A 290 -25.37 -16.58 4.30
N SER A 291 -26.61 -16.39 3.83
CA SER A 291 -26.93 -16.21 2.41
C SER A 291 -27.22 -14.73 2.02
N THR A 292 -27.02 -13.77 2.93
CA THR A 292 -27.14 -12.36 2.54
C THR A 292 -25.97 -12.02 1.60
N PRO A 293 -26.24 -11.41 0.43
CA PRO A 293 -25.09 -11.11 -0.43
C PRO A 293 -24.11 -10.12 0.19
N ILE A 294 -22.82 -10.28 -0.11
CA ILE A 294 -21.78 -9.49 0.56
C ILE A 294 -20.98 -8.69 -0.48
N ALA A 295 -20.77 -7.41 -0.17
CA ALA A 295 -19.89 -6.56 -0.98
C ALA A 295 -18.70 -6.15 -0.12
N MET A 296 -17.50 -6.13 -0.74
CA MET A 296 -16.30 -5.69 -0.03
C MET A 296 -15.41 -4.97 -0.96
N GLY A 297 -14.63 -4.07 -0.37
CA GLY A 297 -13.39 -3.66 -1.02
C GLY A 297 -13.09 -2.24 -1.41
N GLU A 298 -13.91 -1.27 -1.03
CA GLU A 298 -13.55 0.13 -1.35
C GLU A 298 -12.19 0.49 -0.77
N LEU A 299 -11.78 -0.16 0.33
CA LEU A 299 -10.49 0.11 0.95
C LEU A 299 -9.31 -0.65 0.32
N PHE A 300 -9.57 -1.60 -0.59
CA PHE A 300 -8.48 -2.49 -1.01
C PHE A 300 -7.43 -1.80 -1.89
N VAL A 301 -6.18 -2.05 -1.54
CA VAL A 301 -5.00 -1.60 -2.27
C VAL A 301 -4.08 -2.70 -2.79
N ASN A 302 -4.40 -3.96 -2.53
CA ASN A 302 -3.39 -5.01 -2.67
C ASN A 302 -4.07 -6.30 -3.16
N VAL A 303 -3.44 -7.01 -4.10
CA VAL A 303 -3.99 -8.26 -4.61
C VAL A 303 -4.21 -9.31 -3.50
N ASN A 304 -3.35 -9.29 -2.47
CA ASN A 304 -3.50 -10.25 -1.36
C ASN A 304 -4.72 -9.96 -0.46
N GLU A 305 -5.38 -8.82 -0.67
CA GLU A 305 -6.71 -8.57 -0.10
C GLU A 305 -7.83 -9.15 -0.97
N TRP A 306 -7.92 -8.70 -2.21
CA TRP A 306 -9.09 -9.04 -3.04
C TRP A 306 -9.07 -10.44 -3.67
N LYS A 307 -7.88 -10.94 -4.03
CA LYS A 307 -7.85 -12.18 -4.80
C LYS A 307 -8.42 -13.38 -4.02
N PRO A 308 -7.98 -13.60 -2.75
CA PRO A 308 -8.50 -14.76 -2.03
C PRO A 308 -10.02 -14.68 -1.84
N LEU A 309 -10.56 -13.47 -1.74
CA LEU A 309 -12.00 -13.39 -1.47
C LEU A 309 -12.74 -13.80 -2.72
N ILE A 310 -12.20 -13.41 -3.88
CA ILE A 310 -12.89 -13.70 -5.14
C ILE A 310 -12.71 -15.19 -5.44
N ASP A 311 -11.50 -15.72 -5.27
CA ASP A 311 -11.22 -17.14 -5.53
C ASP A 311 -12.11 -18.06 -4.75
N ASN A 312 -12.36 -17.69 -3.50
CA ASN A 312 -13.08 -18.54 -2.56
C ASN A 312 -14.59 -18.22 -2.47
N LYS A 313 -15.07 -17.36 -3.35
CA LYS A 313 -16.51 -17.05 -3.40
C LYS A 313 -16.98 -16.40 -2.08
N LEU A 314 -16.10 -15.58 -1.50
CA LEU A 314 -16.39 -15.02 -0.17
C LEU A 314 -17.15 -13.71 -0.27
N ILE A 315 -17.32 -13.21 -1.50
CA ILE A 315 -18.08 -11.99 -1.75
C ILE A 315 -18.86 -12.16 -3.03
N ASP A 316 -19.93 -11.42 -3.14
CA ASP A 316 -20.69 -11.36 -4.39
C ASP A 316 -20.47 -10.13 -5.24
N TYR A 317 -19.88 -9.09 -4.63
CA TYR A 317 -19.63 -7.81 -5.32
C TYR A 317 -18.30 -7.30 -4.88
N ILE A 318 -17.48 -6.92 -5.85
CA ILE A 318 -16.17 -6.30 -5.58
C ILE A 318 -16.37 -4.78 -5.71
N ARG A 319 -15.94 -4.11 -4.64
CA ARG A 319 -16.18 -2.67 -4.39
C ARG A 319 -15.06 -1.69 -4.67
N CYS A 320 -14.01 -2.13 -5.34
CA CYS A 320 -12.81 -1.27 -5.36
C CYS A 320 -13.10 0.16 -5.78
N HIS A 321 -12.33 1.06 -5.14
CA HIS A 321 -12.21 2.45 -5.61
C HIS A 321 -11.12 2.26 -6.64
N ILE A 322 -11.45 2.43 -7.93
N ILE A 322 -11.50 2.46 -7.91
CA ILE A 322 -10.48 1.97 -8.92
CA ILE A 322 -10.63 2.11 -9.03
C ILE A 322 -9.19 2.79 -8.91
C ILE A 322 -9.26 2.77 -8.84
N SER A 323 -9.25 4.05 -8.49
CA SER A 323 -7.96 4.77 -8.40
C SER A 323 -7.08 4.18 -7.29
N SER A 324 -7.68 3.62 -6.24
CA SER A 324 -6.89 3.00 -5.16
C SER A 324 -6.30 1.65 -5.54
N ILE A 325 -6.77 1.05 -6.63
CA ILE A 325 -6.10 -0.14 -7.18
C ILE A 325 -5.24 0.14 -8.43
N GLY A 326 -5.14 1.40 -8.81
CA GLY A 326 -4.19 1.75 -9.87
C GLY A 326 -4.79 2.05 -11.23
N GLY A 327 -6.10 2.24 -11.33
CA GLY A 327 -6.65 2.67 -12.62
C GLY A 327 -7.43 1.66 -13.43
N ILE A 328 -7.70 2.02 -14.70
CA ILE A 328 -8.53 1.17 -15.58
C ILE A 328 -7.85 -0.15 -15.91
N THR A 329 -6.53 -0.13 -16.13
CA THR A 329 -5.80 -1.38 -16.45
C THR A 329 -6.03 -2.47 -15.39
N PRO A 330 -5.74 -2.17 -14.13
CA PRO A 330 -5.99 -3.21 -13.12
C PRO A 330 -7.47 -3.41 -12.83
N ALA A 331 -8.30 -2.38 -12.95
CA ALA A 331 -9.71 -2.60 -12.70
C ALA A 331 -10.29 -3.59 -13.70
N LYS A 332 -9.91 -3.49 -14.97
CA LYS A 332 -10.42 -4.43 -15.96
C LYS A 332 -10.01 -5.84 -15.60
N LYS A 333 -8.78 -5.98 -15.10
CA LYS A 333 -8.31 -7.32 -14.69
C LYS A 333 -9.10 -7.86 -13.49
N ILE A 334 -9.40 -7.00 -12.52
CA ILE A 334 -10.19 -7.45 -11.36
C ILE A 334 -11.61 -7.77 -11.81
N ALA A 335 -12.16 -6.97 -12.75
CA ALA A 335 -13.51 -7.25 -13.22
C ALA A 335 -13.56 -8.64 -13.89
N ILE A 336 -12.57 -8.94 -14.72
CA ILE A 336 -12.46 -10.26 -15.39
C ILE A 336 -12.22 -11.40 -14.38
N TYR A 337 -11.34 -11.17 -13.43
CA TYR A 337 -11.10 -12.21 -12.42
C TYR A 337 -12.40 -12.51 -11.65
N SER A 338 -13.17 -11.46 -11.37
CA SER A 338 -14.48 -11.60 -10.73
C SER A 338 -15.45 -12.35 -11.63
N GLU A 339 -15.50 -11.97 -12.91
CA GLU A 339 -16.41 -12.58 -13.88
C GLU A 339 -16.27 -14.10 -13.89
N LEU A 340 -15.03 -14.57 -13.94
N LEU A 340 -15.03 -14.55 -13.91
CA LEU A 340 -14.80 -16.02 -14.06
CA LEU A 340 -14.76 -15.99 -14.04
C LEU A 340 -15.11 -16.76 -12.77
C LEU A 340 -15.11 -16.75 -12.76
N ASN A 341 -15.19 -16.03 -11.65
CA ASN A 341 -15.64 -16.57 -10.35
C ASN A 341 -17.11 -16.31 -10.03
N GLY A 342 -17.86 -15.75 -10.99
CA GLY A 342 -19.28 -15.48 -10.72
C GLY A 342 -19.53 -14.31 -9.79
N VAL A 343 -18.52 -13.46 -9.61
CA VAL A 343 -18.64 -12.28 -8.74
C VAL A 343 -18.92 -11.04 -9.60
N ARG A 344 -19.76 -10.11 -9.15
CA ARG A 344 -20.05 -8.95 -9.97
C ARG A 344 -19.38 -7.66 -9.48
N THR A 345 -19.44 -6.61 -10.31
CA THR A 345 -18.73 -5.35 -9.96
C THR A 345 -19.66 -4.34 -9.31
N ALA A 346 -19.18 -3.67 -8.25
CA ALA A 346 -19.87 -2.49 -7.74
C ALA A 346 -18.75 -1.51 -7.38
N TRP A 347 -18.27 -0.73 -8.36
CA TRP A 347 -17.14 0.16 -8.06
C TRP A 347 -17.58 1.25 -7.09
N HIS A 348 -16.66 1.60 -6.19
CA HIS A 348 -16.90 2.71 -5.22
C HIS A 348 -16.98 4.06 -5.94
N SER A 349 -18.09 4.78 -5.71
CA SER A 349 -18.27 6.07 -6.38
C SER A 349 -19.18 7.05 -5.62
N PRO A 350 -18.75 7.56 -4.49
CA PRO A 350 -19.34 8.56 -3.61
C PRO A 350 -18.85 9.95 -4.08
N GLY A 351 -18.81 10.88 -3.17
CA GLY A 351 -18.32 12.20 -3.52
C GLY A 351 -16.82 12.28 -3.74
N ASP A 352 -16.00 11.39 -3.15
CA ASP A 352 -14.57 11.64 -3.37
C ASP A 352 -14.11 10.72 -4.47
N ILE A 353 -14.39 11.24 -5.66
CA ILE A 353 -13.96 10.68 -6.92
C ILE A 353 -14.20 11.83 -7.90
N SER A 354 -13.33 12.05 -8.90
CA SER A 354 -13.61 13.15 -9.84
C SER A 354 -14.57 12.66 -10.90
N PRO A 355 -15.19 13.60 -11.67
CA PRO A 355 -16.04 13.11 -12.76
C PRO A 355 -15.27 12.23 -13.78
N ILE A 356 -13.96 12.41 -13.91
CA ILE A 356 -13.11 11.52 -14.73
C ILE A 356 -13.19 10.07 -14.22
N GLY A 357 -13.07 9.90 -12.89
CA GLY A 357 -13.19 8.59 -12.24
C GLY A 357 -14.60 8.02 -12.38
N VAL A 358 -15.60 8.88 -12.29
CA VAL A 358 -16.99 8.44 -12.50
C VAL A 358 -17.15 7.89 -13.90
N CYS A 359 -16.60 8.59 -14.90
CA CYS A 359 -16.66 8.09 -16.29
C CYS A 359 -15.89 6.79 -16.47
N ALA A 360 -14.71 6.67 -15.85
CA ALA A 360 -13.97 5.41 -15.95
C ALA A 360 -14.78 4.25 -15.36
N ASN A 361 -15.38 4.46 -14.17
CA ASN A 361 -16.24 3.41 -13.59
C ASN A 361 -17.29 2.99 -14.60
N MET A 362 -17.92 3.99 -15.24
CA MET A 362 -19.06 3.70 -16.09
C MET A 362 -18.65 3.05 -17.42
N HIS A 363 -17.45 3.38 -17.95
CA HIS A 363 -16.95 2.73 -19.15
C HIS A 363 -16.65 1.25 -18.88
N LEU A 364 -16.07 0.96 -17.72
CA LEU A 364 -15.96 -0.44 -17.27
C LEU A 364 -17.34 -1.07 -17.12
N ASP A 365 -18.24 -0.38 -16.44
CA ASP A 365 -19.58 -0.91 -16.25
C ASP A 365 -20.27 -1.27 -17.55
N LEU A 366 -20.17 -0.40 -18.57
CA LEU A 366 -20.80 -0.71 -19.86
C LEU A 366 -20.23 -1.95 -20.54
N SER A 367 -18.92 -2.19 -20.36
CA SER A 367 -18.23 -3.24 -21.12
C SER A 367 -18.08 -4.55 -20.36
N SER A 368 -18.54 -4.60 -19.09
CA SER A 368 -18.39 -5.83 -18.29
C SER A 368 -19.62 -6.70 -18.28
N PRO A 369 -19.48 -7.98 -18.66
CA PRO A 369 -20.68 -8.83 -18.60
C PRO A 369 -21.22 -8.95 -17.15
N ASN A 370 -20.31 -8.92 -16.20
CA ASN A 370 -20.58 -9.08 -14.79
C ASN A 370 -20.86 -7.78 -14.04
N PHE A 371 -21.23 -6.72 -14.72
CA PHE A 371 -21.65 -5.52 -13.98
C PHE A 371 -22.71 -5.82 -12.95
N GLY A 372 -22.46 -5.42 -11.68
CA GLY A 372 -23.49 -5.47 -10.64
C GLY A 372 -24.39 -4.27 -10.39
N ILE A 373 -23.76 -3.17 -9.97
CA ILE A 373 -24.52 -1.95 -9.71
C ILE A 373 -23.53 -0.79 -9.71
N GLN A 374 -24.02 0.44 -9.95
CA GLN A 374 -23.12 1.60 -9.81
C GLN A 374 -23.62 2.60 -8.78
N GLU A 375 -22.88 2.71 -7.68
CA GLU A 375 -23.11 3.76 -6.69
C GLU A 375 -23.09 5.11 -7.35
N TYR A 376 -23.97 6.02 -6.92
CA TYR A 376 -23.99 7.33 -7.53
C TYR A 376 -24.31 8.38 -6.48
N THR A 377 -23.56 9.48 -6.47
CA THR A 377 -24.00 10.64 -5.70
C THR A 377 -24.05 11.82 -6.65
N PRO A 378 -25.09 12.62 -6.52
CA PRO A 378 -25.31 13.64 -7.56
C PRO A 378 -24.12 14.61 -7.71
N MET A 379 -23.90 15.03 -8.96
CA MET A 379 -22.80 15.91 -9.34
C MET A 379 -23.43 17.26 -9.50
N ASN A 380 -23.00 18.24 -8.72
CA ASN A 380 -23.60 19.57 -8.80
C ASN A 380 -23.26 20.35 -10.05
N ASP A 381 -23.87 21.53 -10.19
CA ASP A 381 -23.61 22.29 -11.39
C ASP A 381 -22.16 22.71 -11.54
N ALA A 382 -21.53 23.04 -10.44
CA ALA A 382 -20.11 23.43 -10.51
C ALA A 382 -19.22 22.27 -11.04
N LEU A 383 -19.47 21.05 -10.58
CA LEU A 383 -18.76 19.90 -11.11
C LEU A 383 -19.01 19.70 -12.59
N ARG A 384 -20.26 19.86 -12.99
CA ARG A 384 -20.62 19.69 -14.39
C ARG A 384 -20.01 20.75 -15.33
N GLU A 385 -19.86 21.96 -14.80
N GLU A 385 -19.84 21.97 -14.83
CA GLU A 385 -19.20 23.05 -15.51
CA GLU A 385 -19.21 23.06 -15.56
C GLU A 385 -17.70 22.84 -15.62
C GLU A 385 -17.67 22.94 -15.59
N VAL A 386 -17.07 22.48 -14.49
CA VAL A 386 -15.60 22.28 -14.47
C VAL A 386 -15.18 21.04 -15.27
N PHE A 387 -16.06 20.06 -15.33
CA PHE A 387 -15.80 18.83 -16.08
C PHE A 387 -16.85 18.58 -17.16
N PRO A 388 -16.74 19.26 -18.31
CA PRO A 388 -17.74 19.02 -19.37
C PRO A 388 -17.73 17.56 -19.81
N GLY A 389 -18.93 17.00 -20.01
CA GLY A 389 -19.04 15.58 -20.37
C GLY A 389 -19.58 14.66 -19.29
N CYS A 390 -19.98 15.18 -18.13
CA CYS A 390 -20.45 14.28 -17.08
C CYS A 390 -21.65 13.46 -17.61
N PRO A 391 -21.78 12.20 -17.17
N PRO A 391 -21.85 12.26 -17.08
CA PRO A 391 -22.94 11.40 -17.57
CA PRO A 391 -22.95 11.42 -17.61
C PRO A 391 -24.30 12.06 -17.25
C PRO A 391 -24.31 11.99 -17.22
N GLU A 392 -25.32 11.73 -18.04
CA GLU A 392 -26.67 12.18 -17.77
C GLU A 392 -27.32 11.13 -16.88
N VAL A 393 -28.15 11.52 -15.92
CA VAL A 393 -28.89 10.54 -15.08
C VAL A 393 -30.39 10.79 -15.30
N ASP A 394 -31.12 9.73 -15.60
CA ASP A 394 -32.56 9.83 -15.86
C ASP A 394 -33.17 8.55 -15.31
N GLN A 395 -34.15 8.67 -14.42
CA GLN A 395 -34.97 7.54 -14.00
C GLN A 395 -34.14 6.33 -13.59
N GLY A 396 -33.14 6.57 -12.75
CA GLY A 396 -32.42 5.47 -12.11
C GLY A 396 -31.28 4.87 -12.91
N TYR A 397 -30.99 5.42 -14.09
CA TYR A 397 -29.91 4.92 -14.95
C TYR A 397 -29.02 6.08 -15.34
N ALA A 398 -27.73 5.80 -15.53
CA ALA A 398 -26.82 6.77 -16.11
C ALA A 398 -26.54 6.48 -17.58
N TYR A 399 -26.46 7.57 -18.34
CA TYR A 399 -26.21 7.50 -19.77
C TYR A 399 -24.92 8.25 -20.09
N VAL A 400 -23.88 7.52 -20.44
CA VAL A 400 -22.59 8.17 -20.76
C VAL A 400 -22.64 8.65 -22.21
N ASN A 401 -21.92 9.73 -22.50
CA ASN A 401 -21.88 10.15 -23.88
C ASN A 401 -21.00 9.21 -24.71
N ASP A 402 -21.05 9.46 -26.02
CA ASP A 402 -20.32 8.65 -27.01
C ASP A 402 -19.00 9.25 -27.53
N LYS A 403 -18.51 10.31 -26.88
CA LYS A 403 -17.31 11.01 -27.36
C LYS A 403 -16.09 10.12 -27.13
N PRO A 404 -15.01 10.36 -27.86
CA PRO A 404 -13.83 9.48 -27.73
C PRO A 404 -13.15 9.60 -26.40
N GLY A 405 -12.41 8.55 -26.10
CA GLY A 405 -11.71 8.49 -24.83
C GLY A 405 -12.69 8.31 -23.68
N LEU A 406 -12.45 8.99 -22.57
CA LEU A 406 -13.40 8.91 -21.45
C LEU A 406 -14.58 9.89 -21.61
N GLY A 407 -14.62 10.61 -22.74
CA GLY A 407 -15.72 11.52 -23.03
C GLY A 407 -15.88 12.68 -22.04
N ILE A 408 -14.78 13.06 -21.40
CA ILE A 408 -14.78 13.99 -20.27
C ILE A 408 -13.66 15.01 -20.49
N ASP A 409 -13.89 16.23 -20.03
CA ASP A 409 -12.84 17.24 -20.15
C ASP A 409 -12.71 18.00 -18.84
N ILE A 410 -11.73 18.91 -18.76
CA ILE A 410 -11.61 19.77 -17.56
C ILE A 410 -11.31 21.20 -18.01
N ASN A 411 -12.05 22.15 -17.45
CA ASN A 411 -11.76 23.55 -17.71
C ASN A 411 -10.81 23.97 -16.61
N GLU A 412 -9.54 24.16 -16.97
CA GLU A 412 -8.50 24.46 -15.96
C GLU A 412 -8.76 25.80 -15.30
N ALA A 413 -9.23 26.79 -16.08
CA ALA A 413 -9.50 28.11 -15.49
C ALA A 413 -10.57 28.05 -14.43
N LEU A 414 -11.66 27.33 -14.70
CA LEU A 414 -12.74 27.20 -13.73
C LEU A 414 -12.33 26.32 -12.57
N ALA A 415 -11.50 25.31 -12.83
CA ALA A 415 -11.06 24.41 -11.76
C ALA A 415 -10.28 25.21 -10.73
N ALA A 416 -9.52 26.20 -11.19
CA ALA A 416 -8.74 27.05 -10.29
C ALA A 416 -9.58 27.91 -9.35
N LYS A 417 -10.85 28.11 -9.70
CA LYS A 417 -11.75 28.88 -8.85
C LYS A 417 -12.24 28.06 -7.66
N PHE A 418 -11.90 26.77 -7.63
CA PHE A 418 -12.31 25.91 -6.50
C PHE A 418 -11.10 25.27 -5.86
N PRO A 419 -10.30 26.07 -5.16
CA PRO A 419 -9.11 25.50 -4.53
C PRO A 419 -9.50 24.52 -3.42
N CYS A 420 -8.62 23.56 -3.20
CA CYS A 420 -8.89 22.52 -2.21
C CYS A 420 -8.79 23.00 -0.77
N GLU A 421 -9.57 22.35 0.11
CA GLU A 421 -9.56 22.65 1.54
C GLU A 421 -8.31 22.04 2.23
N GLY A 422 -7.94 20.82 1.85
CA GLY A 422 -6.87 20.11 2.52
C GLY A 422 -7.22 19.74 3.95
N GLY A 423 -6.21 19.41 4.75
CA GLY A 423 -6.44 19.18 6.18
C GLY A 423 -6.67 17.72 6.58
N ASN A 424 -6.69 17.47 7.89
CA ASN A 424 -6.96 16.14 8.41
C ASN A 424 -8.46 15.98 8.70
N PRO A 425 -9.10 14.92 8.15
CA PRO A 425 -10.53 14.77 8.42
C PRO A 425 -10.79 14.45 9.88
N THR A 426 -11.91 14.91 10.39
CA THR A 426 -12.27 14.55 11.74
C THR A 426 -13.01 13.22 11.88
N TRP A 427 -13.76 12.80 10.86
CA TRP A 427 -14.62 11.63 11.04
C TRP A 427 -13.84 10.33 11.20
N THR A 428 -12.55 10.38 10.86
CA THR A 428 -11.73 9.14 10.89
C THR A 428 -11.16 8.93 12.29
N MET A 429 -11.48 9.79 13.27
CA MET A 429 -11.20 9.42 14.66
C MET A 429 -12.55 8.94 15.20
N ALA A 430 -12.78 7.64 15.09
CA ALA A 430 -14.03 7.03 15.53
C ALA A 430 -13.73 6.24 16.77
N ARG A 431 -14.42 6.54 17.88
CA ARG A 431 -14.11 5.84 19.12
C ARG A 431 -15.36 5.16 19.66
N THR A 432 -15.18 3.95 20.21
CA THR A 432 -16.29 3.26 20.90
C THR A 432 -16.50 3.91 22.27
N PRO A 433 -17.57 3.52 22.99
CA PRO A 433 -17.91 4.24 24.22
C PRO A 433 -16.78 4.28 25.24
N ASP A 434 -15.95 3.25 25.30
CA ASP A 434 -14.87 3.30 26.26
C ASP A 434 -13.65 4.12 25.83
N GLY A 435 -13.69 4.65 24.60
CA GLY A 435 -12.59 5.46 24.08
C GLY A 435 -11.69 4.74 23.10
N THR A 436 -11.98 3.48 22.80
CA THR A 436 -11.13 2.73 21.86
C THR A 436 -11.24 3.26 20.42
N VAL A 437 -10.07 3.52 19.81
N VAL A 437 -10.12 3.61 19.79
CA VAL A 437 -10.01 3.80 18.38
CA VAL A 437 -10.24 4.04 18.40
C VAL A 437 -10.56 2.63 17.57
C VAL A 437 -10.46 2.81 17.50
N TRP A 438 -11.48 2.90 16.63
CA TRP A 438 -11.97 1.82 15.77
C TRP A 438 -11.63 2.12 14.34
N ARG A 439 -11.49 1.10 13.50
CA ARG A 439 -11.30 1.35 12.08
C ARG A 439 -12.58 1.98 11.55
N PRO A 440 -12.45 3.14 10.91
CA PRO A 440 -13.65 3.97 10.81
C PRO A 440 -14.48 3.65 9.58
N LEU B 27 2.79 16.90 29.72
CA LEU B 27 3.67 16.67 28.52
C LEU B 27 2.93 16.51 27.19
N PHE B 28 3.32 17.29 26.19
CA PHE B 28 2.62 17.27 24.90
C PHE B 28 3.52 17.65 23.76
N ILE B 29 3.14 17.21 22.56
CA ILE B 29 3.94 17.45 21.36
C ILE B 29 3.80 18.88 20.85
N THR B 30 4.92 19.59 20.76
CA THR B 30 4.94 20.97 20.27
C THR B 30 5.20 21.16 18.78
N ASN B 31 6.02 20.29 18.19
CA ASN B 31 6.43 20.46 16.81
C ASN B 31 6.79 19.10 16.25
N VAL B 32 6.56 18.88 14.95
CA VAL B 32 6.99 17.63 14.29
C VAL B 32 7.61 18.09 12.98
N LYS B 33 8.82 17.66 12.70
CA LYS B 33 9.42 18.02 11.41
C LYS B 33 10.14 16.87 10.75
N THR B 34 10.37 17.02 9.46
CA THR B 34 11.04 16.02 8.65
C THR B 34 12.37 16.64 8.25
N ILE B 35 13.40 15.79 8.29
CA ILE B 35 14.71 16.16 7.84
C ILE B 35 15.10 15.21 6.74
N LEU B 36 15.47 15.78 5.58
CA LEU B 36 15.93 14.93 4.46
C LEU B 36 17.45 15.09 4.33
N THR B 37 18.18 14.00 4.44
CA THR B 37 19.65 14.08 4.45
C THR B 37 20.21 12.82 3.82
N ALA B 38 21.42 12.91 3.23
CA ALA B 38 22.04 11.76 2.56
C ALA B 38 23.55 11.63 2.84
N PRO B 39 23.95 11.50 4.12
CA PRO B 39 25.39 11.49 4.45
C PRO B 39 26.12 10.26 3.96
N GLY B 40 25.40 9.16 3.74
CA GLY B 40 25.97 7.93 3.24
C GLY B 40 25.78 7.81 1.74
N GLY B 41 25.35 8.89 1.08
CA GLY B 41 25.15 8.84 -0.37
C GLY B 41 23.81 8.26 -0.81
N ILE B 42 22.92 8.04 0.17
CA ILE B 42 21.60 7.50 -0.09
C ILE B 42 20.58 8.38 0.67
N ASP B 43 19.51 8.77 -0.01
CA ASP B 43 18.57 9.71 0.59
C ASP B 43 17.80 9.08 1.77
N LEU B 44 17.78 9.81 2.90
CA LEU B 44 17.13 9.34 4.15
C LEU B 44 16.03 10.29 4.54
N VAL B 45 14.98 9.79 5.20
CA VAL B 45 13.97 10.65 5.76
C VAL B 45 13.89 10.40 7.27
N VAL B 46 14.11 11.47 8.03
CA VAL B 46 14.15 11.39 9.49
C VAL B 46 13.04 12.30 10.04
N VAL B 47 12.42 11.87 11.14
CA VAL B 47 11.44 12.70 11.83
C VAL B 47 11.95 13.09 13.19
N LYS B 48 11.73 14.36 13.57
CA LYS B 48 12.02 14.82 14.92
C LYS B 48 10.73 15.32 15.57
N ILE B 49 10.36 14.77 16.72
CA ILE B 49 9.19 15.28 17.46
C ILE B 49 9.69 16.03 18.70
N GLU B 50 9.29 17.29 18.81
CA GLU B 50 9.64 18.11 19.97
C GLU B 50 8.47 18.14 20.94
N THR B 51 8.78 18.24 22.23
CA THR B 51 7.76 18.32 23.28
C THR B 51 7.93 19.67 24.03
N ASN B 52 7.01 19.91 24.97
CA ASN B 52 7.11 21.09 25.84
C ASN B 52 8.15 20.99 26.97
N GLU B 53 8.77 19.82 27.12
CA GLU B 53 9.87 19.69 28.07
C GLU B 53 11.17 20.06 27.37
N PRO B 54 11.86 21.09 27.89
CA PRO B 54 13.08 21.51 27.19
C PRO B 54 14.09 20.38 27.05
N GLY B 55 14.60 20.22 25.85
CA GLY B 55 15.57 19.20 25.56
C GLY B 55 15.06 17.79 25.28
N LEU B 56 13.78 17.51 25.55
CA LEU B 56 13.24 16.17 25.34
C LEU B 56 12.54 16.10 23.97
N TYR B 57 13.08 15.27 23.08
CA TYR B 57 12.56 15.15 21.71
C TYR B 57 12.77 13.69 21.32
N GLY B 58 12.15 13.29 20.21
CA GLY B 58 12.40 11.90 19.77
C GLY B 58 12.65 11.93 18.30
N LEU B 59 13.38 10.90 17.85
CA LEU B 59 13.79 10.77 16.46
C LEU B 59 13.22 9.45 15.90
N GLY B 60 12.83 9.48 14.64
CA GLY B 60 12.34 8.26 13.98
C GLY B 60 12.74 8.21 12.51
N CYS B 61 12.66 7.02 11.96
CA CYS B 61 13.07 6.75 10.58
C CYS B 61 11.85 6.50 9.71
N ALA B 62 11.74 7.35 8.72
CA ALA B 62 10.74 7.27 7.63
C ALA B 62 11.25 6.82 6.26
N THR B 63 12.41 6.18 6.19
CA THR B 63 13.12 6.19 4.91
C THR B 63 12.55 5.15 3.93
N PHE B 64 11.85 5.70 2.93
CA PHE B 64 11.48 5.01 1.71
C PHE B 64 12.24 5.84 0.71
N THR B 65 13.39 5.35 0.28
CA THR B 65 14.34 6.28 -0.34
C THR B 65 13.89 6.71 -1.72
N GLN B 66 13.09 5.87 -2.38
CA GLN B 66 12.69 6.18 -3.73
C GLN B 66 11.58 7.22 -3.77
N ARG B 67 10.89 7.41 -2.66
CA ARG B 67 9.73 8.31 -2.48
C ARG B 67 9.84 9.48 -1.52
N ILE B 68 11.05 9.89 -1.15
CA ILE B 68 11.21 10.80 0.00
C ILE B 68 10.26 12.00 0.01
N TYR B 69 9.96 12.57 -1.15
CA TYR B 69 9.08 13.75 -1.15
C TYR B 69 7.61 13.43 -0.86
N ALA B 70 7.13 12.24 -1.26
CA ALA B 70 5.76 11.85 -1.00
C ALA B 70 5.66 11.52 0.50
N VAL B 71 6.69 10.84 1.05
CA VAL B 71 6.68 10.56 2.50
C VAL B 71 6.75 11.87 3.30
N GLN B 72 7.66 12.77 2.89
CA GLN B 72 7.70 14.10 3.52
C GLN B 72 6.33 14.80 3.57
N SER B 73 5.60 14.75 2.46
N SER B 73 5.61 14.74 2.45
CA SER B 73 4.26 15.37 2.43
CA SER B 73 4.27 15.31 2.36
C SER B 73 3.33 14.65 3.41
C SER B 73 3.33 14.65 3.36
N ALA B 74 3.37 13.33 3.38
CA ALA B 74 2.49 12.52 4.26
C ALA B 74 2.75 12.83 5.72
N ILE B 75 3.99 13.20 6.04
CA ILE B 75 4.31 13.66 7.41
C ILE B 75 3.91 15.13 7.62
N ASP B 76 4.54 16.03 6.87
CA ASP B 76 4.46 17.46 7.16
C ASP B 76 3.07 18.01 6.99
N GLU B 77 2.33 17.50 6.00
CA GLU B 77 0.99 18.07 5.75
C GLU B 77 -0.13 17.37 6.52
N TYR B 78 0.16 16.19 7.10
CA TYR B 78 -0.89 15.37 7.70
C TYR B 78 -0.54 14.93 9.12
N LEU B 79 0.43 14.01 9.27
CA LEU B 79 0.69 13.48 10.61
C LEU B 79 1.19 14.56 11.55
N ALA B 80 2.03 15.50 11.05
CA ALA B 80 2.51 16.58 11.90
C ALA B 80 1.41 17.41 12.57
N PRO B 81 0.48 17.96 11.77
CA PRO B 81 -0.57 18.72 12.46
C PRO B 81 -1.53 17.85 13.29
N PHE B 82 -1.66 16.58 12.93
CA PHE B 82 -2.50 15.62 13.67
C PHE B 82 -1.95 15.44 15.08
N LEU B 83 -0.63 15.59 15.26
CA LEU B 83 -0.01 15.29 16.58
C LEU B 83 0.11 16.46 17.53
N ILE B 84 0.02 17.68 17.01
CA ILE B 84 0.32 18.83 17.85
C ILE B 84 -0.66 18.88 19.01
N GLY B 85 -0.09 19.00 20.21
CA GLY B 85 -0.87 19.17 21.46
C GLY B 85 -1.25 17.84 22.13
N LYS B 86 -0.95 16.71 21.50
CA LYS B 86 -1.23 15.36 22.05
C LYS B 86 -0.13 14.88 22.97
N ASP B 87 -0.55 14.10 23.97
CA ASP B 87 0.42 13.43 24.84
C ASP B 87 1.17 12.31 24.13
N PRO B 88 2.49 12.40 24.03
CA PRO B 88 3.28 11.35 23.36
C PRO B 88 3.29 10.03 24.10
N ALA B 89 2.81 9.97 25.34
CA ALA B 89 2.82 8.71 26.03
C ALA B 89 1.88 7.67 25.43
N ARG B 90 0.86 8.08 24.65
CA ARG B 90 -0.07 7.04 24.23
C ARG B 90 0.40 6.67 22.86
N ILE B 91 1.34 5.72 22.85
CA ILE B 91 1.99 5.37 21.61
C ILE B 91 1.03 4.52 20.77
N GLU B 92 0.40 3.54 21.41
CA GLU B 92 -0.52 2.66 20.70
C GLU B 92 -1.76 3.42 20.17
N ASP B 93 -2.31 4.30 20.99
CA ASP B 93 -3.53 5.04 20.58
C ASP B 93 -3.14 5.91 19.40
N ILE B 94 -1.98 6.54 19.47
CA ILE B 94 -1.53 7.38 18.36
C ILE B 94 -1.29 6.54 17.11
N TRP B 95 -0.65 5.38 17.27
CA TRP B 95 -0.42 4.53 16.11
C TRP B 95 -1.77 4.11 15.48
N GLN B 96 -2.70 3.66 16.31
CA GLN B 96 -3.91 3.13 15.74
C GLN B 96 -4.74 4.22 15.04
N SER B 97 -4.81 5.38 15.71
CA SER B 97 -5.59 6.51 15.16
C SER B 97 -4.87 7.14 13.95
N ALA B 98 -3.54 7.26 14.01
CA ALA B 98 -2.84 7.78 12.82
C ALA B 98 -2.99 6.84 11.65
N ALA B 99 -2.84 5.53 11.90
CA ALA B 99 -2.97 4.54 10.83
C ALA B 99 -4.26 4.67 10.02
N VAL B 100 -5.37 5.00 10.68
CA VAL B 100 -6.64 5.14 9.98
C VAL B 100 -7.05 6.57 9.67
N SER B 101 -6.22 7.54 10.02
CA SER B 101 -6.62 8.93 9.90
C SER B 101 -7.01 9.33 8.48
N GLY B 102 -6.36 8.71 7.47
CA GLY B 102 -6.69 8.99 6.06
C GLY B 102 -7.65 7.94 5.48
N TYR B 103 -8.31 7.12 6.35
CA TYR B 103 -9.19 6.04 5.87
C TYR B 103 -8.33 5.01 5.16
N TRP B 104 -8.10 5.16 3.87
CA TRP B 104 -7.16 4.25 3.20
C TRP B 104 -5.80 4.20 3.90
N ARG B 105 -5.21 3.02 3.83
CA ARG B 105 -4.02 2.74 4.63
C ARG B 105 -3.28 1.54 4.05
N ASN B 106 -2.28 1.03 4.78
CA ASN B 106 -1.52 -0.15 4.35
C ASN B 106 -0.78 0.08 3.05
N GLY B 107 0.18 1.00 3.06
CA GLY B 107 0.96 1.24 1.82
C GLY B 107 2.29 1.80 2.22
N PRO B 108 3.25 1.80 1.30
CA PRO B 108 4.61 2.20 1.72
C PRO B 108 4.72 3.70 2.05
N VAL B 109 4.02 4.61 1.35
CA VAL B 109 4.12 6.02 1.75
C VAL B 109 3.44 6.21 3.09
N MET B 110 2.20 5.73 3.24
CA MET B 110 1.48 5.85 4.51
C MET B 110 2.26 5.23 5.67
N ASN B 111 2.82 4.03 5.47
CA ASN B 111 3.44 3.32 6.57
C ASN B 111 4.76 4.00 6.96
N ASN B 112 5.52 4.48 5.98
CA ASN B 112 6.78 5.12 6.34
C ASN B 112 6.55 6.39 7.12
N ALA B 113 5.57 7.20 6.72
CA ALA B 113 5.23 8.37 7.52
C ALA B 113 4.90 7.97 8.97
N LEU B 114 4.04 6.94 9.14
CA LEU B 114 3.66 6.43 10.46
C LEU B 114 4.88 5.95 11.25
N SER B 115 5.81 5.27 10.57
CA SER B 115 7.05 4.82 11.22
C SER B 115 7.87 5.95 11.81
N GLY B 116 8.01 7.04 11.07
CA GLY B 116 8.80 8.19 11.56
C GLY B 116 8.23 8.66 12.90
N ILE B 117 6.91 8.76 13.01
N ILE B 117 6.90 8.78 12.97
CA ILE B 117 6.33 9.23 14.26
CA ILE B 117 6.24 9.19 14.21
C ILE B 117 6.30 8.16 15.36
C ILE B 117 6.44 8.14 15.30
N ASP B 118 6.10 6.88 14.98
CA ASP B 118 6.09 5.84 15.98
C ASP B 118 7.48 5.66 16.60
N MET B 119 8.52 5.62 15.78
CA MET B 119 9.87 5.43 16.36
C MET B 119 10.24 6.63 17.26
N ALA B 120 9.88 7.85 16.87
CA ALA B 120 10.17 9.03 17.68
C ALA B 120 9.43 8.98 19.01
N LEU B 121 8.21 8.44 19.01
CA LEU B 121 7.46 8.31 20.24
C LEU B 121 8.11 7.25 21.18
N TRP B 122 8.59 6.13 20.61
CA TRP B 122 9.34 5.20 21.43
C TRP B 122 10.62 5.79 22.00
N ASP B 123 11.30 6.61 21.18
CA ASP B 123 12.50 7.30 21.62
C ASP B 123 12.16 8.22 22.83
N ILE B 124 11.08 8.97 22.73
CA ILE B 124 10.66 9.81 23.85
C ILE B 124 10.31 8.98 25.08
N LYS B 125 9.60 7.85 24.90
CA LYS B 125 9.22 7.00 26.04
C LYS B 125 10.48 6.49 26.75
N GLY B 126 11.45 6.04 25.96
CA GLY B 126 12.70 5.60 26.61
C GLY B 126 13.45 6.73 27.29
N LYS B 127 13.47 7.92 26.69
CA LYS B 127 14.09 9.07 27.36
C LYS B 127 13.38 9.45 28.67
N GLN B 128 12.04 9.44 28.63
CA GLN B 128 11.23 9.71 29.83
C GLN B 128 11.54 8.67 30.93
N ALA B 129 11.67 7.41 30.54
CA ALA B 129 12.00 6.28 31.46
C ALA B 129 13.47 6.29 31.91
N GLY B 130 14.35 6.97 31.17
CA GLY B 130 15.76 6.84 31.42
C GLY B 130 16.32 5.48 30.99
N LEU B 131 15.68 4.82 30.02
CA LEU B 131 16.09 3.47 29.58
C LEU B 131 16.10 3.41 28.06
N PRO B 132 17.02 2.59 27.51
CA PRO B 132 16.92 2.25 26.11
C PRO B 132 15.59 1.56 25.79
N VAL B 133 15.14 1.75 24.55
CA VAL B 133 13.91 1.14 24.10
C VAL B 133 14.00 -0.39 24.26
N TYR B 134 15.16 -0.99 23.99
CA TYR B 134 15.26 -2.46 24.18
C TYR B 134 14.91 -2.90 25.61
N GLU B 135 15.16 -2.04 26.59
CA GLU B 135 14.81 -2.38 27.98
C GLU B 135 13.30 -2.40 28.20
N LEU B 136 12.58 -1.57 27.42
CA LEU B 136 11.10 -1.51 27.52
C LEU B 136 10.44 -2.70 26.84
N LEU B 137 11.12 -3.31 25.85
CA LEU B 137 10.60 -4.36 24.96
C LEU B 137 10.92 -5.76 25.47
N GLY B 138 11.43 -5.85 26.69
CA GLY B 138 11.74 -7.13 27.31
C GLY B 138 13.18 -7.32 27.74
N GLY B 139 14.05 -6.37 27.43
CA GLY B 139 15.44 -6.46 27.89
C GLY B 139 16.28 -7.30 26.96
N LYS B 140 17.59 -7.35 27.22
CA LYS B 140 18.51 -8.13 26.34
C LYS B 140 18.33 -9.64 26.46
N CYS B 141 18.26 -10.25 25.29
CA CYS B 141 18.26 -11.72 25.14
C CYS B 141 19.61 -12.26 24.66
N ARG B 142 20.55 -11.36 24.36
CA ARG B 142 21.88 -11.68 23.84
C ARG B 142 22.77 -10.45 24.05
N ASP B 143 24.10 -10.60 24.04
CA ASP B 143 24.98 -9.45 24.24
C ASP B 143 25.68 -8.86 23.04
N GLY B 144 25.36 -9.40 21.88
CA GLY B 144 25.84 -8.83 20.64
C GLY B 144 24.86 -9.23 19.56
N ILE B 145 24.80 -8.44 18.50
N ILE B 145 24.78 -8.46 18.48
CA ILE B 145 23.89 -8.70 17.38
CA ILE B 145 23.82 -8.75 17.42
C ILE B 145 24.67 -9.26 16.20
C ILE B 145 24.53 -9.22 16.15
N ALA B 146 24.35 -10.50 15.83
CA ALA B 146 25.08 -11.12 14.69
C ALA B 146 24.69 -10.43 13.37
N LEU B 147 25.70 -10.13 12.57
CA LEU B 147 25.48 -9.38 11.32
C LEU B 147 25.75 -10.24 10.10
N TYR B 148 25.04 -9.97 8.99
CA TYR B 148 25.52 -10.47 7.70
C TYR B 148 25.77 -9.32 6.78
N VAL B 149 26.71 -9.52 5.88
CA VAL B 149 27.12 -8.47 4.97
C VAL B 149 27.07 -8.95 3.54
N HIS B 150 26.96 -7.99 2.61
CA HIS B 150 26.98 -8.30 1.18
C HIS B 150 28.35 -8.50 0.57
N THR B 151 28.47 -9.54 -0.25
CA THR B 151 29.64 -9.74 -1.10
C THR B 151 29.20 -10.10 -2.49
N ASP B 152 30.02 -9.73 -3.48
CA ASP B 152 29.66 -10.00 -4.85
C ASP B 152 30.87 -10.08 -5.75
N GLY B 153 30.61 -10.33 -7.03
CA GLY B 153 31.69 -10.47 -8.00
C GLY B 153 31.12 -10.91 -9.31
N ALA B 154 31.90 -10.78 -10.39
CA ALA B 154 31.40 -11.12 -11.72
C ALA B 154 31.46 -12.64 -12.01
N ASP B 155 32.30 -13.38 -11.27
CA ASP B 155 32.35 -14.83 -11.46
C ASP B 155 32.61 -15.50 -10.10
N GLU B 156 32.70 -16.84 -10.07
CA GLU B 156 32.70 -17.51 -8.79
C GLU B 156 34.00 -17.26 -8.03
N VAL B 157 35.10 -17.01 -8.74
CA VAL B 157 36.35 -16.69 -8.04
C VAL B 157 36.30 -15.30 -7.41
N GLU B 158 35.75 -14.32 -8.12
CA GLU B 158 35.61 -12.99 -7.52
C GLU B 158 34.74 -13.05 -6.28
N VAL B 159 33.62 -13.78 -6.33
CA VAL B 159 32.74 -13.90 -5.17
C VAL B 159 33.46 -14.58 -4.00
N GLU B 160 34.18 -15.65 -4.30
CA GLU B 160 34.94 -16.36 -3.28
C GLU B 160 35.91 -15.41 -2.61
N ASP B 161 36.66 -14.67 -3.41
CA ASP B 161 37.61 -13.72 -2.82
C ASP B 161 36.94 -12.63 -1.97
N SER B 162 35.84 -12.05 -2.47
CA SER B 162 35.10 -11.04 -1.72
C SER B 162 34.59 -11.62 -0.38
N ALA B 163 34.00 -12.80 -0.44
CA ALA B 163 33.52 -13.46 0.77
C ALA B 163 34.65 -13.70 1.75
N ARG B 164 35.79 -14.20 1.26
CA ARG B 164 36.91 -14.50 2.14
C ARG B 164 37.37 -13.23 2.84
N ALA B 165 37.36 -12.11 2.14
CA ALA B 165 37.81 -10.84 2.74
C ALA B 165 36.86 -10.42 3.87
N LYS B 166 35.55 -10.64 3.69
CA LYS B 166 34.60 -10.34 4.77
C LYS B 166 34.77 -11.30 5.94
N MET B 167 35.03 -12.58 5.67
CA MET B 167 35.25 -13.53 6.75
C MET B 167 36.49 -13.11 7.57
N GLU B 168 37.51 -12.59 6.90
CA GLU B 168 38.74 -12.18 7.58
C GLU B 168 38.50 -10.97 8.46
N GLU B 169 37.45 -10.21 8.17
CA GLU B 169 37.05 -9.10 9.02
C GLU B 169 36.20 -9.54 10.20
N GLY B 170 35.84 -10.82 10.25
CA GLY B 170 35.09 -11.34 11.38
C GLY B 170 33.61 -11.62 11.10
N TYR B 171 33.16 -11.42 9.86
CA TYR B 171 31.77 -11.75 9.51
C TYR B 171 31.57 -13.27 9.38
N GLN B 172 30.58 -13.79 10.07
CA GLN B 172 30.29 -15.24 10.07
C GLN B 172 29.11 -15.62 9.21
N TYR B 173 28.46 -14.61 8.61
CA TYR B 173 27.28 -14.78 7.76
C TYR B 173 27.47 -13.85 6.59
N ILE B 174 27.34 -14.39 5.37
CA ILE B 174 27.74 -13.63 4.19
C ILE B 174 26.70 -13.84 3.13
N ARG B 175 26.15 -12.75 2.56
CA ARG B 175 25.22 -12.81 1.41
C ARG B 175 26.09 -12.80 0.16
N CYS B 176 25.94 -13.81 -0.69
CA CYS B 176 26.79 -13.94 -1.89
C CYS B 176 25.96 -13.82 -3.15
N GLN B 177 26.30 -12.82 -3.97
CA GLN B 177 25.62 -12.60 -5.25
C GLN B 177 26.65 -12.59 -6.34
N MET B 178 26.27 -13.00 -7.55
CA MET B 178 27.22 -13.01 -8.66
C MET B 178 26.62 -12.30 -9.87
N GLY B 179 27.32 -11.34 -10.46
CA GLY B 179 26.78 -10.62 -11.61
C GLY B 179 25.50 -9.87 -11.23
N MET B 180 24.69 -9.45 -12.21
CA MET B 180 23.41 -8.92 -11.85
C MET B 180 22.34 -9.75 -12.55
N TYR B 181 21.88 -10.75 -11.84
CA TYR B 181 20.79 -11.60 -12.33
C TYR B 181 20.92 -12.00 -13.80
N GLY B 182 22.11 -12.46 -14.17
CA GLY B 182 22.35 -12.99 -15.52
C GLY B 182 22.77 -11.95 -16.54
N GLY B 183 22.61 -10.66 -16.18
CA GLY B 183 23.14 -9.55 -16.98
C GLY B 183 24.30 -8.84 -16.29
N ALA B 184 24.65 -7.72 -16.87
CA ALA B 184 25.74 -6.87 -16.46
C ALA B 184 25.35 -5.58 -15.73
N GLY B 185 24.06 -5.40 -15.49
CA GLY B 185 23.61 -4.13 -14.96
C GLY B 185 23.58 -3.01 -15.99
N THR B 186 23.58 -3.36 -17.28
CA THR B 186 23.55 -2.40 -18.37
C THR B 186 22.32 -2.62 -19.27
N ASP B 187 22.23 -1.86 -20.37
CA ASP B 187 21.10 -1.94 -21.28
C ASP B 187 21.26 -3.01 -22.34
N ASP B 188 22.29 -3.83 -22.21
CA ASP B 188 22.54 -4.78 -23.27
C ASP B 188 23.21 -6.05 -22.72
N LEU B 189 22.84 -7.19 -23.30
CA LEU B 189 23.39 -8.48 -22.83
C LEU B 189 24.54 -9.05 -23.68
N ARG B 190 24.89 -8.41 -24.79
CA ARG B 190 25.80 -9.05 -25.74
C ARG B 190 27.21 -9.18 -25.16
N LEU B 191 27.73 -8.13 -24.51
CA LEU B 191 29.07 -8.18 -23.96
C LEU B 191 29.21 -9.25 -22.88
N ILE B 192 28.28 -9.33 -21.94
N ILE B 192 28.26 -9.31 -21.95
CA ILE B 192 28.40 -10.35 -20.91
CA ILE B 192 28.36 -10.31 -20.91
C ILE B 192 28.19 -11.75 -21.48
C ILE B 192 28.18 -11.73 -21.47
N ALA B 193 27.29 -11.87 -22.45
CA ALA B 193 27.14 -13.16 -23.15
C ALA B 193 28.46 -13.62 -23.75
N ASN B 194 29.19 -12.72 -24.40
CA ASN B 194 30.47 -13.11 -24.96
C ASN B 194 31.47 -13.49 -23.87
N ARG B 195 31.49 -12.74 -22.77
CA ARG B 195 32.33 -13.13 -21.63
C ARG B 195 31.98 -14.56 -21.15
N MET B 196 30.69 -14.87 -21.09
CA MET B 196 30.26 -16.20 -20.67
C MET B 196 30.68 -17.28 -21.68
N VAL B 197 30.53 -17.01 -22.97
CA VAL B 197 31.02 -17.96 -23.99
C VAL B 197 32.49 -18.26 -23.75
N LYS B 198 33.29 -17.22 -23.56
CA LYS B 198 34.73 -17.40 -23.42
C LYS B 198 35.10 -18.19 -22.14
N ALA B 199 34.27 -18.04 -21.11
CA ALA B 199 34.52 -18.67 -19.83
C ALA B 199 33.93 -20.09 -19.79
N LYS B 200 33.31 -20.49 -20.89
CA LYS B 200 32.53 -21.73 -21.00
C LYS B 200 31.41 -21.85 -19.94
N ASN B 201 30.75 -20.72 -19.66
CA ASN B 201 29.65 -20.71 -18.70
C ASN B 201 28.31 -20.55 -19.44
N ILE B 202 27.23 -20.66 -18.69
CA ILE B 202 25.90 -20.48 -19.26
C ILE B 202 25.76 -19.04 -19.74
N GLN B 203 25.13 -18.83 -20.89
CA GLN B 203 25.07 -17.51 -21.51
C GLN B 203 23.65 -17.00 -21.49
N PRO B 204 23.48 -15.70 -21.31
CA PRO B 204 22.15 -15.09 -21.47
C PRO B 204 21.77 -15.09 -22.94
N LYS B 205 20.47 -14.93 -23.12
CA LYS B 205 19.85 -14.95 -24.42
C LYS B 205 20.12 -13.72 -25.27
N ARG B 206 19.94 -13.85 -26.57
CA ARG B 206 19.96 -12.72 -27.49
C ARG B 206 18.59 -12.05 -27.46
N SER B 207 18.59 -10.71 -27.45
CA SER B 207 17.38 -9.87 -27.48
C SER B 207 16.87 -9.69 -28.91
N PRO B 208 15.62 -9.23 -29.05
CA PRO B 208 15.09 -8.83 -30.38
C PRO B 208 15.91 -7.72 -30.97
N ARG B 209 15.69 -7.50 -32.26
CA ARG B 209 16.52 -6.56 -33.01
C ARG B 209 16.36 -5.10 -32.60
N THR B 210 15.24 -4.75 -31.95
CA THR B 210 15.19 -3.46 -31.28
C THR B 210 14.54 -3.75 -29.95
N LYS B 211 14.83 -2.92 -28.96
CA LYS B 211 14.29 -3.19 -27.64
C LYS B 211 14.21 -1.89 -26.80
N ALA B 212 13.32 -1.90 -25.81
CA ALA B 212 13.06 -0.72 -24.97
C ALA B 212 14.20 -0.44 -24.03
N PRO B 213 14.37 0.82 -23.62
CA PRO B 213 15.41 1.13 -22.63
C PRO B 213 15.17 0.41 -21.29
N GLY B 214 16.24 0.00 -20.63
CA GLY B 214 16.11 -0.60 -19.34
C GLY B 214 17.40 -1.26 -18.95
N ILE B 215 17.41 -1.86 -17.76
CA ILE B 215 18.56 -2.59 -17.28
C ILE B 215 18.23 -4.05 -17.57
N TYR B 216 18.93 -4.63 -18.54
CA TYR B 216 18.59 -5.99 -19.04
C TYR B 216 19.27 -7.07 -18.19
N PHE B 217 18.53 -8.13 -17.96
CA PHE B 217 19.02 -9.29 -17.20
C PHE B 217 18.45 -10.53 -17.82
N ASP B 218 18.86 -11.69 -17.32
CA ASP B 218 18.38 -12.97 -17.88
C ASP B 218 18.00 -13.96 -16.80
N PRO B 219 16.72 -14.08 -16.46
CA PRO B 219 16.36 -14.94 -15.34
C PRO B 219 16.81 -16.39 -15.52
N GLU B 220 16.79 -16.88 -16.77
CA GLU B 220 17.12 -18.28 -17.02
C GLU B 220 18.60 -18.52 -16.81
N ALA B 221 19.44 -17.66 -17.39
CA ALA B 221 20.91 -17.81 -17.16
C ALA B 221 21.23 -17.66 -15.69
N TYR B 222 20.58 -16.70 -15.03
CA TYR B 222 20.80 -16.50 -13.59
C TYR B 222 20.48 -17.78 -12.82
N ALA B 223 19.27 -18.31 -12.96
CA ALA B 223 18.85 -19.44 -12.10
C ALA B 223 19.71 -20.67 -12.34
N LYS B 224 20.05 -20.92 -13.61
CA LYS B 224 20.79 -22.13 -13.90
C LYS B 224 22.24 -22.04 -13.39
N SER B 225 22.72 -20.80 -13.15
N SER B 225 22.73 -20.83 -13.13
CA SER B 225 24.11 -20.58 -12.72
CA SER B 225 24.13 -20.69 -12.72
C SER B 225 24.31 -20.68 -11.21
C SER B 225 24.33 -20.62 -11.20
N ILE B 226 23.24 -20.47 -10.44
CA ILE B 226 23.35 -20.31 -9.01
C ILE B 226 23.84 -21.50 -8.22
N PRO B 227 23.33 -22.71 -8.51
CA PRO B 227 23.82 -23.81 -7.67
C PRO B 227 25.33 -24.04 -7.87
N ARG B 228 25.88 -23.87 -9.07
CA ARG B 228 27.31 -24.04 -9.25
C ARG B 228 28.08 -23.00 -8.45
N LEU B 229 27.57 -21.76 -8.36
CA LEU B 229 28.26 -20.77 -7.54
C LEU B 229 28.41 -21.30 -6.10
N PHE B 230 27.32 -21.80 -5.51
CA PHE B 230 27.40 -22.27 -4.13
C PHE B 230 28.17 -23.55 -3.95
N ASP B 231 28.23 -24.39 -4.98
CA ASP B 231 29.11 -25.56 -4.91
C ASP B 231 30.55 -25.10 -4.83
N HIS B 232 30.92 -24.13 -5.65
CA HIS B 232 32.24 -23.55 -5.59
C HIS B 232 32.54 -22.90 -4.24
N LEU B 233 31.61 -22.09 -3.71
CA LEU B 233 31.90 -21.42 -2.43
C LEU B 233 32.03 -22.45 -1.32
N ARG B 234 31.24 -23.51 -1.32
CA ARG B 234 31.42 -24.52 -0.30
C ARG B 234 32.75 -25.25 -0.46
N ASN B 235 33.16 -25.49 -1.70
N ASN B 235 33.15 -25.49 -1.70
CA ASN B 235 34.41 -26.19 -1.89
CA ASN B 235 34.39 -26.20 -1.94
C ASN B 235 35.58 -25.42 -1.36
C ASN B 235 35.57 -25.42 -1.38
N LYS B 236 35.54 -24.12 -1.62
CA LYS B 236 36.64 -23.21 -1.23
C LYS B 236 36.57 -22.64 0.20
N LEU B 237 35.37 -22.28 0.66
CA LEU B 237 35.21 -21.65 1.96
C LEU B 237 34.79 -22.61 3.08
N GLY B 238 34.31 -23.78 2.73
CA GLY B 238 33.86 -24.72 3.74
C GLY B 238 32.41 -24.50 4.23
N PHE B 239 32.01 -25.39 5.11
CA PHE B 239 30.64 -25.43 5.65
C PHE B 239 30.44 -24.76 7.02
N SER B 240 31.49 -24.24 7.61
CA SER B 240 31.34 -23.57 8.88
C SER B 240 30.66 -22.22 8.72
N VAL B 241 31.02 -21.47 7.68
CA VAL B 241 30.47 -20.13 7.47
C VAL B 241 29.00 -20.21 7.01
N GLU B 242 28.20 -19.19 7.38
CA GLU B 242 26.79 -19.24 6.92
C GLU B 242 26.71 -18.43 5.63
N LEU B 243 26.10 -18.98 4.58
CA LEU B 243 26.01 -18.29 3.28
C LEU B 243 24.55 -18.00 3.00
N LEU B 244 24.25 -16.79 2.48
CA LEU B 244 22.87 -16.37 2.18
C LEU B 244 22.82 -15.99 0.71
N HIS B 245 21.63 -16.06 0.09
CA HIS B 245 21.49 -15.63 -1.32
C HIS B 245 20.15 -14.96 -1.49
N ASP B 246 20.08 -13.87 -2.26
CA ASP B 246 18.83 -13.13 -2.46
C ASP B 246 18.39 -13.25 -3.91
N ALA B 247 17.29 -13.99 -4.14
CA ALA B 247 16.74 -14.13 -5.50
C ALA B 247 15.97 -12.90 -5.94
N HIS B 248 15.59 -12.05 -4.98
CA HIS B 248 15.01 -10.71 -5.26
C HIS B 248 13.91 -10.72 -6.32
N GLU B 249 12.98 -11.68 -6.21
CA GLU B 249 11.79 -11.79 -7.09
C GLU B 249 12.13 -11.84 -8.58
N ARG B 250 13.34 -12.31 -8.91
CA ARG B 250 13.86 -12.20 -10.30
C ARG B 250 13.54 -13.35 -11.26
N ILE B 251 12.83 -14.38 -10.78
CA ILE B 251 12.58 -15.55 -11.61
C ILE B 251 11.12 -15.99 -11.47
N THR B 252 10.66 -16.87 -12.35
CA THR B 252 9.28 -17.39 -12.14
C THR B 252 9.18 -18.24 -10.86
N PRO B 253 7.99 -18.36 -10.29
CA PRO B 253 7.89 -19.14 -9.05
C PRO B 253 8.39 -20.59 -9.24
N ILE B 254 8.04 -21.27 -10.33
CA ILE B 254 8.47 -22.66 -10.43
C ILE B 254 10.01 -22.74 -10.53
N ASN B 255 10.63 -21.81 -11.26
CA ASN B 255 12.08 -21.80 -11.29
C ASN B 255 12.71 -21.48 -9.92
N ALA B 256 12.00 -20.69 -9.09
CA ALA B 256 12.48 -20.48 -7.72
C ALA B 256 12.35 -21.73 -6.87
N ILE B 257 11.31 -22.52 -7.10
CA ILE B 257 11.15 -23.75 -6.33
C ILE B 257 12.31 -24.68 -6.70
N HIS B 258 12.55 -24.78 -8.00
CA HIS B 258 13.66 -25.60 -8.45
C HIS B 258 15.02 -25.12 -7.89
N MET B 259 15.24 -23.81 -7.88
N MET B 259 15.26 -23.81 -7.85
CA MET B 259 16.46 -23.23 -7.30
CA MET B 259 16.52 -23.30 -7.32
C MET B 259 16.59 -23.63 -5.83
C MET B 259 16.62 -23.54 -5.80
N ALA B 260 15.52 -23.41 -5.08
CA ALA B 260 15.54 -23.74 -3.64
C ALA B 260 15.94 -25.22 -3.44
N LYS B 261 15.35 -26.11 -4.23
CA LYS B 261 15.74 -27.52 -4.16
C LYS B 261 17.20 -27.76 -4.53
N ALA B 262 17.66 -27.15 -5.63
CA ALA B 262 19.03 -27.32 -6.11
C ALA B 262 20.05 -26.79 -5.11
N LEU B 263 19.64 -25.89 -4.24
CA LEU B 263 20.62 -25.30 -3.29
C LEU B 263 20.69 -26.10 -2.01
N GLU B 264 19.83 -27.11 -1.85
CA GLU B 264 19.81 -27.87 -0.57
C GLU B 264 21.18 -28.45 -0.15
N PRO B 265 21.94 -28.99 -1.10
CA PRO B 265 23.19 -29.64 -0.68
C PRO B 265 24.13 -28.58 -0.06
N TYR B 266 23.93 -27.31 -0.37
CA TYR B 266 24.90 -26.30 0.10
C TYR B 266 24.48 -25.67 1.42
N GLN B 267 23.31 -26.02 1.93
CA GLN B 267 22.86 -25.63 3.27
C GLN B 267 22.99 -24.11 3.52
N LEU B 268 22.29 -23.34 2.70
CA LEU B 268 22.31 -21.89 2.90
C LEU B 268 21.57 -21.52 4.18
N PHE B 269 21.99 -20.44 4.80
CA PHE B 269 21.29 -19.93 5.99
C PHE B 269 19.88 -19.49 5.60
N PHE B 270 19.77 -18.77 4.48
CA PHE B 270 18.48 -18.67 3.81
C PHE B 270 18.63 -18.28 2.34
N LEU B 271 17.57 -18.61 1.60
CA LEU B 271 17.30 -18.08 0.26
C LEU B 271 16.18 -17.03 0.40
N GLU B 272 16.48 -15.81 -0.03
CA GLU B 272 15.57 -14.67 0.17
C GLU B 272 14.77 -14.28 -1.06
N ASP B 273 13.53 -13.91 -0.81
CA ASP B 273 12.60 -13.40 -1.81
C ASP B 273 12.49 -14.28 -3.09
N PRO B 274 12.21 -15.56 -2.92
CA PRO B 274 12.07 -16.40 -4.11
C PRO B 274 10.84 -15.98 -4.93
N VAL B 275 9.87 -15.30 -4.31
CA VAL B 275 8.71 -14.81 -5.04
C VAL B 275 8.46 -13.34 -4.67
N ALA B 276 7.77 -12.64 -5.56
CA ALA B 276 7.22 -11.32 -5.33
C ALA B 276 6.11 -11.43 -4.31
N PRO B 277 5.79 -10.31 -3.61
CA PRO B 277 4.61 -10.35 -2.74
C PRO B 277 3.33 -10.76 -3.48
N GLU B 278 3.20 -10.38 -4.75
CA GLU B 278 2.00 -10.70 -5.48
C GLU B 278 1.88 -12.20 -5.80
N ASN B 279 2.96 -12.96 -5.65
CA ASN B 279 3.07 -14.41 -5.86
C ASN B 279 3.15 -15.25 -4.58
N THR B 280 2.84 -14.66 -3.44
CA THR B 280 2.96 -15.39 -2.18
C THR B 280 2.20 -16.74 -2.17
N GLU B 281 1.15 -16.90 -2.98
CA GLU B 281 0.39 -18.17 -2.97
C GLU B 281 1.28 -19.33 -3.47
N TRP B 282 2.33 -19.03 -4.22
CA TRP B 282 3.21 -20.09 -4.68
C TRP B 282 4.10 -20.69 -3.60
N LEU B 283 4.19 -20.01 -2.46
CA LEU B 283 5.04 -20.61 -1.39
C LEU B 283 4.43 -21.89 -0.82
N LYS B 284 3.10 -22.09 -0.93
CA LYS B 284 2.53 -23.35 -0.50
C LYS B 284 3.17 -24.50 -1.26
N MET B 285 3.34 -24.37 -2.58
CA MET B 285 3.99 -25.42 -3.33
C MET B 285 5.49 -25.57 -3.01
N LEU B 286 6.20 -24.43 -2.86
CA LEU B 286 7.60 -24.49 -2.59
C LEU B 286 7.84 -25.29 -1.32
N ARG B 287 7.02 -25.04 -0.30
CA ARG B 287 7.31 -25.64 1.01
C ARG B 287 6.88 -27.10 1.10
N GLN B 288 6.15 -27.56 0.08
N GLN B 288 6.16 -27.59 0.09
CA GLN B 288 5.84 -29.01 -0.05
CA GLN B 288 5.89 -29.04 0.05
C GLN B 288 7.09 -29.81 -0.46
C GLN B 288 7.08 -29.83 -0.51
N GLN B 289 8.07 -29.11 -1.06
CA GLN B 289 9.21 -29.71 -1.80
C GLN B 289 10.59 -29.46 -1.21
N SER B 290 10.87 -28.21 -0.84
CA SER B 290 12.23 -27.82 -0.43
C SER B 290 12.45 -27.61 1.06
N SER B 291 13.64 -28.02 1.51
CA SER B 291 14.10 -27.81 2.89
C SER B 291 15.13 -26.67 3.03
N THR B 292 15.38 -25.92 1.95
CA THR B 292 16.23 -24.71 2.07
C THR B 292 15.46 -23.63 2.85
N PRO B 293 16.09 -23.02 3.86
CA PRO B 293 15.31 -22.03 4.62
C PRO B 293 14.99 -20.85 3.72
N ILE B 294 13.83 -20.24 3.96
CA ILE B 294 13.33 -19.17 3.13
C ILE B 294 13.11 -17.88 3.92
N ALA B 295 13.54 -16.75 3.34
CA ALA B 295 13.31 -15.43 3.95
C ALA B 295 12.44 -14.67 2.97
N MET B 296 11.45 -13.91 3.48
CA MET B 296 10.61 -13.09 2.62
C MET B 296 10.28 -11.83 3.38
N GLY B 297 10.03 -10.77 2.59
CA GLY B 297 9.26 -9.64 3.10
C GLY B 297 9.80 -8.25 3.18
N GLU B 298 10.99 -7.94 2.65
CA GLU B 298 11.43 -6.52 2.65
C GLU B 298 10.40 -5.60 1.97
N LEU B 299 9.65 -6.14 1.02
CA LEU B 299 8.63 -5.37 0.26
C LEU B 299 7.27 -5.29 0.96
N PHE B 300 7.08 -5.99 2.07
CA PHE B 300 5.71 -6.08 2.61
C PHE B 300 5.24 -4.83 3.29
N VAL B 301 4.01 -4.48 2.96
CA VAL B 301 3.27 -3.35 3.52
C VAL B 301 1.93 -3.67 4.22
N ASN B 302 1.51 -4.93 4.20
CA ASN B 302 0.10 -5.25 4.47
C ASN B 302 0.04 -6.58 5.20
N VAL B 303 -0.77 -6.64 6.26
CA VAL B 303 -0.97 -7.90 7.01
C VAL B 303 -1.40 -9.07 6.13
N ASN B 304 -2.13 -8.80 5.05
CA ASN B 304 -2.60 -9.91 4.20
C ASN B 304 -1.46 -10.49 3.37
N GLU B 305 -0.29 -9.84 3.41
CA GLU B 305 0.95 -10.41 2.82
C GLU B 305 1.65 -11.33 3.83
N TRP B 306 2.05 -10.77 4.97
CA TRP B 306 2.91 -11.51 5.93
C TRP B 306 2.17 -12.54 6.78
N LYS B 307 0.93 -12.27 7.19
CA LYS B 307 0.30 -13.14 8.17
C LYS B 307 0.09 -14.57 7.66
N PRO B 308 -0.47 -14.74 6.43
CA PRO B 308 -0.68 -16.13 6.00
C PRO B 308 0.66 -16.89 5.82
N LEU B 309 1.73 -16.20 5.47
CA LEU B 309 3.02 -16.91 5.35
C LEU B 309 3.52 -17.38 6.69
N ILE B 310 3.41 -16.54 7.71
CA ILE B 310 3.85 -16.92 9.07
C ILE B 310 2.93 -18.02 9.65
N ASP B 311 1.60 -17.84 9.52
CA ASP B 311 0.63 -18.83 10.03
C ASP B 311 0.87 -20.21 9.50
N ASN B 312 1.17 -20.29 8.19
CA ASN B 312 1.30 -21.57 7.51
C ASN B 312 2.71 -22.08 7.43
N LYS B 313 3.63 -21.41 8.12
CA LYS B 313 5.02 -21.91 8.18
C LYS B 313 5.69 -21.88 6.82
N LEU B 314 5.33 -20.88 6.01
CA LEU B 314 5.81 -20.85 4.62
C LEU B 314 7.15 -20.11 4.49
N ILE B 315 7.62 -19.51 5.58
CA ILE B 315 8.93 -18.86 5.62
C ILE B 315 9.60 -19.15 6.97
N ASP B 316 10.95 -19.04 7.01
CA ASP B 316 11.67 -19.19 8.27
C ASP B 316 12.20 -17.88 8.83
N TYR B 317 12.19 -16.83 7.98
CA TYR B 317 12.68 -15.51 8.41
C TYR B 317 11.76 -14.47 7.81
N ILE B 318 11.32 -13.52 8.65
CA ILE B 318 10.51 -12.38 8.19
C ILE B 318 11.44 -11.17 8.01
N ARG B 319 11.37 -10.60 6.81
CA ARG B 319 12.36 -9.62 6.30
C ARG B 319 11.91 -8.17 6.37
N CYS B 320 10.82 -7.87 7.04
CA CYS B 320 10.24 -6.54 6.83
C CYS B 320 11.26 -5.41 7.00
N HIS B 321 11.14 -4.41 6.13
CA HIS B 321 11.76 -3.11 6.37
C HIS B 321 10.78 -2.46 7.37
N ILE B 322 11.24 -2.24 8.60
CA ILE B 322 10.24 -1.90 9.63
C ILE B 322 9.55 -0.59 9.35
N SER B 323 10.23 0.36 8.71
CA SER B 323 9.51 1.62 8.43
C SER B 323 8.40 1.38 7.40
N SER B 324 8.54 0.39 6.53
CA SER B 324 7.47 0.10 5.55
C SER B 324 6.27 -0.64 6.14
N ILE B 325 6.41 -1.17 7.35
CA ILE B 325 5.24 -1.70 8.09
C ILE B 325 4.74 -0.79 9.20
N GLY B 326 5.35 0.39 9.33
CA GLY B 326 4.81 1.35 10.29
C GLY B 326 5.55 1.54 11.60
N GLY B 327 6.80 1.05 11.72
CA GLY B 327 7.60 1.36 12.91
C GLY B 327 7.75 0.29 13.94
N ILE B 328 8.20 0.69 15.14
CA ILE B 328 8.48 -0.27 16.22
C ILE B 328 7.24 -0.99 16.72
N THR B 329 6.14 -0.25 16.87
CA THR B 329 4.92 -0.83 17.41
C THR B 329 4.46 -2.05 16.56
N PRO B 330 4.28 -1.88 15.24
CA PRO B 330 3.90 -3.06 14.42
C PRO B 330 5.04 -4.08 14.29
N ALA B 331 6.29 -3.63 14.24
CA ALA B 331 7.41 -4.58 14.13
C ALA B 331 7.48 -5.52 15.32
N LYS B 332 7.23 -5.00 16.53
CA LYS B 332 7.22 -5.88 17.70
C LYS B 332 6.09 -6.89 17.61
N LYS B 333 4.95 -6.48 17.07
CA LYS B 333 3.83 -7.42 16.92
C LYS B 333 4.18 -8.50 15.89
N ILE B 334 4.80 -8.13 14.76
CA ILE B 334 5.17 -9.11 13.75
C ILE B 334 6.23 -10.03 14.33
N ALA B 335 7.14 -9.49 15.13
CA ALA B 335 8.18 -10.37 15.72
C ALA B 335 7.54 -11.42 16.66
N ILE B 336 6.57 -10.99 17.47
CA ILE B 336 5.86 -11.91 18.36
C ILE B 336 5.02 -12.91 17.60
N TYR B 337 4.32 -12.43 16.57
CA TYR B 337 3.47 -13.35 15.76
C TYR B 337 4.39 -14.43 15.18
N SER B 338 5.57 -14.00 14.73
CA SER B 338 6.56 -14.94 14.17
C SER B 338 7.06 -15.89 15.27
N GLU B 339 7.40 -15.35 16.42
CA GLU B 339 7.92 -16.14 17.57
C GLU B 339 6.99 -17.31 17.86
N LEU B 340 5.69 -17.04 17.90
N LEU B 340 5.69 -17.04 17.90
CA LEU B 340 4.72 -18.07 18.30
CA LEU B 340 4.77 -18.10 18.32
C LEU B 340 4.62 -19.18 17.23
C LEU B 340 4.50 -19.12 17.22
N ASN B 341 4.95 -18.81 15.99
CA ASN B 341 4.99 -19.73 14.85
C ASN B 341 6.36 -20.33 14.56
N GLY B 342 7.33 -20.06 15.41
CA GLY B 342 8.64 -20.66 15.16
C GLY B 342 9.44 -19.97 14.07
N VAL B 343 9.02 -18.74 13.67
CA VAL B 343 9.70 -18.02 12.58
C VAL B 343 10.60 -16.95 13.19
N ARG B 344 11.78 -16.72 12.62
CA ARG B 344 12.72 -15.75 13.22
C ARG B 344 12.75 -14.44 12.47
N THR B 345 13.40 -13.43 13.04
CA THR B 345 13.42 -12.11 12.39
C THR B 345 14.69 -11.82 11.61
N ALA B 346 14.55 -11.22 10.43
CA ALA B 346 15.72 -10.71 9.78
C ALA B 346 15.29 -9.38 9.16
N TRP B 347 15.36 -8.32 9.92
CA TRP B 347 14.80 -7.07 9.40
C TRP B 347 15.69 -6.55 8.27
N HIS B 348 15.05 -5.96 7.27
CA HIS B 348 15.79 -5.35 6.14
C HIS B 348 16.59 -4.13 6.54
N SER B 349 17.88 -4.14 6.23
CA SER B 349 18.75 -3.04 6.63
C SER B 349 20.00 -2.86 5.82
N PRO B 350 19.88 -2.51 4.59
CA PRO B 350 20.98 -2.19 3.66
C PRO B 350 21.28 -0.68 3.81
N GLY B 351 21.74 -0.05 2.75
CA GLY B 351 21.99 1.38 2.83
C GLY B 351 20.75 2.29 2.90
N ASP B 352 19.56 1.85 2.42
CA ASP B 352 18.48 2.86 2.46
C ASP B 352 17.65 2.58 3.72
N ILE B 353 18.23 3.07 4.79
CA ILE B 353 17.65 3.08 6.12
C ILE B 353 18.53 4.09 6.85
N SER B 354 17.95 4.89 7.74
CA SER B 354 18.83 5.82 8.47
C SER B 354 19.47 5.14 9.69
N PRO B 355 20.47 5.75 10.30
CA PRO B 355 21.00 5.09 11.51
C PRO B 355 19.97 5.01 12.62
N ILE B 356 18.95 5.89 12.61
CA ILE B 356 17.86 5.76 13.60
C ILE B 356 17.11 4.43 13.38
N GLY B 357 16.80 4.11 12.11
CA GLY B 357 16.18 2.83 11.76
C GLY B 357 17.11 1.66 12.06
N VAL B 358 18.42 1.80 11.83
CA VAL B 358 19.34 0.71 12.19
C VAL B 358 19.26 0.44 13.69
N CYS B 359 19.22 1.48 14.52
CA CYS B 359 19.11 1.29 15.95
C CYS B 359 17.79 0.64 16.31
N ALA B 360 16.70 1.09 15.69
CA ALA B 360 15.39 0.49 15.98
C ALA B 360 15.41 -1.02 15.66
N ASN B 361 15.95 -1.39 14.50
CA ASN B 361 16.09 -2.82 14.17
C ASN B 361 16.85 -3.54 15.30
N MET B 362 17.93 -2.92 15.77
CA MET B 362 18.78 -3.63 16.73
C MET B 362 18.20 -3.64 18.12
N HIS B 363 17.37 -2.67 18.49
CA HIS B 363 16.68 -2.77 19.78
C HIS B 363 15.65 -3.89 19.77
N LEU B 364 14.91 -4.02 18.67
CA LEU B 364 14.03 -5.18 18.48
C LEU B 364 14.89 -6.47 18.51
N ASP B 365 16.00 -6.48 17.76
CA ASP B 365 16.85 -7.68 17.73
C ASP B 365 17.27 -8.13 19.14
N LEU B 366 17.65 -7.17 19.98
CA LEU B 366 18.17 -7.51 21.30
C LEU B 366 17.10 -8.10 22.18
N SER B 367 15.86 -7.65 22.01
CA SER B 367 14.76 -8.03 22.92
C SER B 367 13.93 -9.19 22.40
N SER B 368 14.23 -9.66 21.20
CA SER B 368 13.45 -10.76 20.62
C SER B 368 14.05 -12.13 20.85
N PRO B 369 13.29 -13.07 21.46
CA PRO B 369 13.85 -14.42 21.62
C PRO B 369 14.18 -15.07 20.29
N ASN B 370 13.37 -14.73 19.31
CA ASN B 370 13.40 -15.26 17.97
C ASN B 370 14.26 -14.49 16.95
N PHE B 371 15.20 -13.69 17.42
CA PHE B 371 16.09 -13.02 16.49
C PHE B 371 16.78 -14.01 15.58
N GLY B 372 16.73 -13.76 14.27
CA GLY B 372 17.48 -14.57 13.31
C GLY B 372 18.84 -14.07 12.88
N ILE B 373 18.83 -12.90 12.24
CA ILE B 373 20.10 -12.29 11.80
C ILE B 373 19.87 -10.80 11.50
N GLN B 374 20.95 -10.01 11.54
CA GLN B 374 20.78 -8.60 11.14
C GLN B 374 21.67 -8.23 9.95
N GLU B 375 21.05 -7.98 8.79
CA GLU B 375 21.73 -7.41 7.61
C GLU B 375 22.40 -6.10 8.02
N TYR B 376 23.59 -5.85 7.49
CA TYR B 376 24.30 -4.63 7.86
C TYR B 376 25.04 -4.09 6.65
N THR B 377 24.89 -2.79 6.41
CA THR B 377 25.72 -2.04 5.45
C THR B 377 26.66 -1.10 6.19
N PRO B 378 27.96 -1.31 6.02
CA PRO B 378 28.94 -0.50 6.75
C PRO B 378 28.73 1.01 6.48
N MET B 379 28.89 1.78 7.55
CA MET B 379 28.59 3.21 7.50
C MET B 379 29.89 4.00 7.30
N ASN B 380 29.78 5.14 6.65
CA ASN B 380 30.94 6.02 6.54
C ASN B 380 31.04 7.00 7.69
N ASP B 381 32.13 7.79 7.70
CA ASP B 381 32.30 8.78 8.75
C ASP B 381 31.16 9.80 8.81
N ALA B 382 30.70 10.25 7.64
CA ALA B 382 29.61 11.22 7.62
C ALA B 382 28.33 10.74 8.33
N LEU B 383 27.95 9.47 8.14
CA LEU B 383 26.77 8.96 8.84
C LEU B 383 27.01 8.95 10.34
N ARG B 384 28.20 8.55 10.75
CA ARG B 384 28.52 8.50 12.18
C ARG B 384 28.55 9.89 12.82
N GLU B 385 28.96 10.89 12.07
N GLU B 385 28.96 10.89 12.07
CA GLU B 385 29.01 12.27 12.59
CA GLU B 385 29.01 12.27 12.58
C GLU B 385 27.64 12.93 12.57
C GLU B 385 27.67 12.99 12.52
N VAL B 386 26.85 12.69 11.52
CA VAL B 386 25.50 13.28 11.40
C VAL B 386 24.54 12.63 12.41
N PHE B 387 24.78 11.33 12.68
CA PHE B 387 23.96 10.59 13.67
C PHE B 387 24.79 10.04 14.84
N PRO B 388 25.18 10.89 15.80
CA PRO B 388 25.94 10.36 16.94
C PRO B 388 25.21 9.27 17.68
N GLY B 389 25.95 8.20 18.04
CA GLY B 389 25.30 7.07 18.68
C GLY B 389 25.20 5.80 17.82
N CYS B 390 25.73 5.81 16.60
CA CYS B 390 25.68 4.60 15.77
C CYS B 390 26.26 3.38 16.50
N PRO B 391 25.66 2.20 16.32
CA PRO B 391 26.21 1.05 17.06
C PRO B 391 27.64 0.72 16.68
N GLU B 392 28.40 0.17 17.61
CA GLU B 392 29.79 -0.22 17.36
C GLU B 392 29.75 -1.59 16.66
N VAL B 393 30.56 -1.77 15.63
CA VAL B 393 30.71 -3.10 15.02
C VAL B 393 32.10 -3.70 15.33
N ASP B 394 32.17 -4.91 15.88
CA ASP B 394 33.45 -5.51 16.26
C ASP B 394 33.33 -6.99 15.87
N GLN B 395 34.16 -7.42 14.93
N GLN B 395 34.17 -7.43 14.94
CA GLN B 395 34.27 -8.83 14.54
CA GLN B 395 34.27 -8.83 14.54
C GLN B 395 32.92 -9.49 14.29
C GLN B 395 32.92 -9.50 14.26
N GLY B 396 32.12 -8.85 13.44
CA GLY B 396 30.89 -9.44 12.95
C GLY B 396 29.68 -9.34 13.84
N TYR B 397 29.82 -8.64 14.97
CA TYR B 397 28.68 -8.40 15.88
C TYR B 397 28.50 -6.90 16.06
N ALA B 398 27.26 -6.44 16.23
CA ALA B 398 27.02 -5.05 16.57
C ALA B 398 26.73 -4.90 18.07
N TYR B 399 27.26 -3.83 18.66
CA TYR B 399 27.09 -3.57 20.07
C TYR B 399 26.44 -2.21 20.21
N VAL B 400 25.18 -2.24 20.60
N VAL B 400 25.16 -2.18 20.53
CA VAL B 400 24.33 -1.06 20.78
CA VAL B 400 24.46 -0.90 20.65
C VAL B 400 24.72 -0.29 22.06
C VAL B 400 24.78 -0.28 21.99
N ASN B 401 24.71 1.05 22.02
CA ASN B 401 24.98 1.78 23.24
C ASN B 401 23.79 1.63 24.23
N ASP B 402 24.06 1.95 25.49
CA ASP B 402 23.07 1.90 26.56
C ASP B 402 22.30 3.16 26.90
N LYS B 403 22.37 4.16 26.01
CA LYS B 403 21.78 5.48 26.25
C LYS B 403 20.26 5.39 26.09
N PRO B 404 19.52 6.28 26.75
CA PRO B 404 18.07 6.15 26.77
C PRO B 404 17.41 6.31 25.41
N GLY B 405 16.19 5.81 25.26
CA GLY B 405 15.56 5.91 23.97
C GLY B 405 16.25 5.01 22.96
N LEU B 406 16.37 5.50 21.73
CA LEU B 406 17.05 4.72 20.72
C LEU B 406 18.59 4.92 20.75
N GLY B 407 19.08 5.73 21.69
CA GLY B 407 20.50 5.94 21.90
C GLY B 407 21.13 6.63 20.72
N ILE B 408 20.35 7.43 19.98
CA ILE B 408 20.81 7.99 18.69
C ILE B 408 20.39 9.45 18.63
N ASP B 409 21.21 10.28 17.97
CA ASP B 409 20.85 11.68 17.82
C ASP B 409 21.06 12.08 16.36
N ILE B 410 20.71 13.33 16.05
CA ILE B 410 21.03 13.89 14.72
C ILE B 410 21.53 15.32 14.89
N ASN B 411 22.64 15.61 14.19
CA ASN B 411 23.18 16.97 14.20
C ASN B 411 22.53 17.61 12.96
N GLU B 412 21.56 18.50 13.20
CA GLU B 412 20.75 19.05 12.11
C GLU B 412 21.60 19.93 11.20
N ALA B 413 22.53 20.69 11.78
CA ALA B 413 23.38 21.53 10.92
C ALA B 413 24.25 20.73 9.98
N LEU B 414 24.83 19.65 10.47
N LEU B 414 24.80 19.62 10.45
CA LEU B 414 25.65 18.82 9.62
CA LEU B 414 25.67 18.80 9.60
C LEU B 414 24.75 18.17 8.59
C LEU B 414 24.85 17.94 8.64
N ALA B 415 23.63 17.60 9.03
CA ALA B 415 22.72 16.90 8.13
C ALA B 415 22.42 17.79 6.92
N ALA B 416 22.33 19.10 7.14
CA ALA B 416 21.96 20.03 6.06
C ALA B 416 23.07 20.19 5.06
N LYS B 417 24.26 19.72 5.42
CA LYS B 417 25.38 19.73 4.47
C LYS B 417 25.37 18.56 3.49
N PHE B 418 24.41 17.62 3.64
CA PHE B 418 24.26 16.46 2.77
C PHE B 418 22.83 16.45 2.23
N PRO B 419 22.51 17.40 1.34
CA PRO B 419 21.16 17.49 0.77
C PRO B 419 20.88 16.28 -0.10
N CYS B 420 19.60 15.94 -0.25
CA CYS B 420 19.26 14.72 -0.95
C CYS B 420 19.33 14.95 -2.45
N GLU B 421 19.62 13.88 -3.17
CA GLU B 421 19.74 13.89 -4.62
C GLU B 421 18.38 13.86 -5.29
N GLY B 422 17.45 13.08 -4.74
CA GLY B 422 16.17 12.81 -5.36
C GLY B 422 16.29 12.02 -6.66
N GLY B 423 15.24 12.10 -7.47
CA GLY B 423 15.20 11.45 -8.76
C GLY B 423 14.51 10.10 -8.76
N ASN B 424 14.38 9.57 -9.98
CA ASN B 424 13.84 8.24 -10.24
C ASN B 424 14.97 7.25 -10.46
N PRO B 425 15.09 6.21 -9.61
CA PRO B 425 16.21 5.28 -9.85
C PRO B 425 16.11 4.54 -11.15
N THR B 426 17.24 4.22 -11.75
N THR B 426 17.27 4.19 -11.66
CA THR B 426 17.22 3.49 -13.01
CA THR B 426 17.35 3.54 -12.94
C THR B 426 17.09 1.98 -12.84
C THR B 426 17.14 2.04 -12.84
N TRP B 427 17.58 1.42 -11.74
CA TRP B 427 17.60 -0.03 -11.62
C TRP B 427 16.22 -0.70 -11.58
N THR B 428 15.20 0.10 -11.25
CA THR B 428 13.85 -0.44 -11.13
C THR B 428 13.16 -0.61 -12.47
N MET B 429 13.86 -0.27 -13.57
CA MET B 429 13.34 -0.65 -14.89
C MET B 429 14.20 -1.86 -15.25
N ALA B 430 13.69 -3.06 -14.92
CA ALA B 430 14.50 -4.26 -15.12
C ALA B 430 13.84 -5.06 -16.20
N ARG B 431 14.50 -5.35 -17.34
CA ARG B 431 13.77 -6.01 -18.43
C ARG B 431 14.44 -7.33 -18.77
N THR B 432 13.64 -8.36 -19.07
CA THR B 432 14.24 -9.63 -19.48
C THR B 432 14.76 -9.49 -20.92
N PRO B 433 15.36 -10.56 -21.49
CA PRO B 433 15.96 -10.36 -22.80
C PRO B 433 15.02 -9.90 -23.93
N ASP B 434 13.75 -10.29 -23.87
CA ASP B 434 12.79 -9.88 -24.90
C ASP B 434 12.21 -8.49 -24.66
N GLY B 435 12.63 -7.81 -23.59
CA GLY B 435 12.12 -6.48 -23.29
C GLY B 435 11.04 -6.43 -22.22
N THR B 436 10.67 -7.56 -21.64
CA THR B 436 9.52 -7.55 -20.69
C THR B 436 9.94 -6.88 -19.40
N VAL B 437 9.14 -5.92 -18.93
CA VAL B 437 9.33 -5.35 -17.58
C VAL B 437 9.12 -6.45 -16.50
N TRP B 438 10.08 -6.63 -15.58
CA TRP B 438 9.93 -7.58 -14.49
C TRP B 438 9.90 -6.90 -13.13
N ARG B 439 9.25 -7.52 -12.15
CA ARG B 439 9.30 -6.97 -10.80
C ARG B 439 10.79 -6.99 -10.36
N PRO B 440 11.33 -5.83 -9.99
CA PRO B 440 12.79 -5.73 -9.94
C PRO B 440 13.42 -6.23 -8.62
#